data_2NZ5
#
_entry.id   2NZ5
#
_cell.length_a   192.267
_cell.length_b   44.859
_cell.length_c   105.052
_cell.angle_alpha   90.000
_cell.angle_beta   97.760
_cell.angle_gamma   90.000
#
_symmetry.space_group_name_H-M   'C 1 2 1'
#
loop_
_entity.id
_entity.type
_entity.pdbx_description
1 polymer 'Cytochrome P450 CYP158A1'
2 non-polymer 'PROTOPORPHYRIN IX CONTAINING FE'
3 non-polymer naphthalene-1,2,4,5,7-pentol
4 water water
#
_entity_poly.entity_id   1
_entity_poly.type   'polypeptide(L)'
_entity_poly.pdbx_seq_one_letter_code
;MTQETTTLTGQSPPPVRDWPALDLDGPEFDPVLAELMREGPLTRVRLPHGEGWAWLATRYDDVKAITNDPRFGRAEVTQR
QITRLAPHFKPRPGSLAFADQPDHNRLRRAVAGAFTVGATKRLRPRAQEILDGLVDGILAEGPPADLVERVLEPFPIAVV
SEVMGVPAADRERVHSWTRQIISTSGGAEAAERAKRGLYGWITETVRARAGSEGGDVYSMLGAAVGRGEVGETEAVGLAG
PLQIGGEAVTHNVGQMLYLLLTRRELMARMRERPGARGTALDELLRWISHRTSVGLARIALEDVEVHGTRIAAGEPVYVS
YLAANRDPDVFPDPDRIDLDRDPNPHLAYGNGHHFCTGAVLARMQTELLVDTLLERLPGLRLAVPAEQVAWRRKTMIRGP
RTLPCTWHHHHHH
;
_entity_poly.pdbx_strand_id   A,B
#
loop_
_chem_comp.id
_chem_comp.type
_chem_comp.name
_chem_comp.formula
226 non-polymer naphthalene-1,2,4,5,7-pentol 'C10 H8 O5'
HEM non-polymer 'PROTOPORPHYRIN IX CONTAINING FE' 'C34 H32 Fe N4 O4'
#
# COMPACT_ATOMS: atom_id res chain seq x y z
N PRO A 13 51.75 15.32 7.09
CA PRO A 13 50.44 14.63 7.21
C PRO A 13 50.42 13.35 6.38
N PRO A 14 49.59 12.37 6.77
CA PRO A 14 49.53 11.11 6.03
C PRO A 14 49.03 11.33 4.61
N PRO A 15 49.32 10.37 3.72
CA PRO A 15 48.88 10.51 2.33
C PRO A 15 47.36 10.38 2.17
N VAL A 16 46.84 10.92 1.08
CA VAL A 16 45.41 10.85 0.82
C VAL A 16 45.09 9.45 0.32
N ARG A 17 44.18 8.76 1.02
CA ARG A 17 43.78 7.40 0.66
C ARG A 17 42.44 7.39 -0.06
N ASP A 18 42.36 6.65 -1.16
CA ASP A 18 41.12 6.56 -1.90
C ASP A 18 40.25 5.51 -1.22
N TRP A 19 39.06 5.90 -0.77
CA TRP A 19 38.16 4.93 -0.13
C TRP A 19 36.90 4.78 -0.97
N PRO A 20 36.92 3.88 -1.96
CA PRO A 20 35.81 3.61 -2.86
C PRO A 20 34.62 3.03 -2.13
N ALA A 21 33.46 3.07 -2.79
CA ALA A 21 32.26 2.48 -2.25
C ALA A 21 32.48 1.02 -2.60
N LEU A 22 31.97 0.10 -1.80
CA LEU A 22 32.19 -1.32 -2.10
C LEU A 22 30.96 -2.20 -2.30
N ASP A 23 31.15 -3.22 -3.14
CA ASP A 23 30.13 -4.22 -3.49
C ASP A 23 30.47 -5.51 -2.74
N LEU A 24 29.96 -5.65 -1.52
CA LEU A 24 30.22 -6.84 -0.71
C LEU A 24 28.93 -7.58 -0.36
N ASP A 25 28.71 -8.74 -1.01
CA ASP A 25 27.50 -9.55 -0.77
C ASP A 25 27.66 -10.46 0.47
N GLY A 26 27.59 -9.84 1.65
CA GLY A 26 27.71 -10.54 2.91
C GLY A 26 27.89 -9.51 4.02
N PRO A 27 27.90 -9.91 5.30
CA PRO A 27 28.08 -8.94 6.37
C PRO A 27 29.53 -8.58 6.69
N GLU A 28 30.46 -9.12 5.93
CA GLU A 28 31.89 -8.84 6.16
C GLU A 28 32.24 -7.37 6.44
N PHE A 29 33.25 -7.17 7.28
CA PHE A 29 33.73 -5.83 7.62
C PHE A 29 34.52 -5.24 6.44
N ASP A 30 34.25 -3.98 6.10
CA ASP A 30 34.94 -3.31 5.00
C ASP A 30 36.47 -3.47 5.12
N PRO A 31 37.10 -4.16 4.17
CA PRO A 31 38.54 -4.37 4.19
C PRO A 31 39.37 -3.09 4.05
N VAL A 32 38.95 -2.16 3.20
CA VAL A 32 39.72 -0.93 3.07
C VAL A 32 39.70 -0.18 4.40
N LEU A 33 38.58 -0.29 5.13
CA LEU A 33 38.45 0.36 6.43
C LEU A 33 39.39 -0.34 7.41
N ALA A 34 39.67 -1.61 7.15
CA ALA A 34 40.57 -2.39 8.00
C ALA A 34 42.01 -1.92 7.80
N GLU A 35 42.38 -1.61 6.56
CA GLU A 35 43.72 -1.13 6.22
C GLU A 35 43.94 0.24 6.84
N LEU A 36 42.94 1.11 6.67
CA LEU A 36 42.97 2.46 7.23
C LEU A 36 43.11 2.45 8.75
N MET A 37 42.50 1.46 9.40
CA MET A 37 42.53 1.32 10.86
C MET A 37 43.91 0.96 11.42
N ARG A 38 44.73 0.30 10.63
CA ARG A 38 46.04 -0.05 11.13
C ARG A 38 47.08 0.93 10.63
N GLU A 39 46.71 1.77 9.66
CA GLU A 39 47.64 2.75 9.12
C GLU A 39 47.88 3.84 10.17
N GLY A 40 47.06 3.84 11.22
CA GLY A 40 47.22 4.84 12.25
C GLY A 40 45.87 5.36 12.69
N PRO A 41 45.84 6.22 13.71
CA PRO A 41 44.59 6.78 14.25
C PRO A 41 43.93 7.86 13.40
N LEU A 42 44.72 8.75 12.81
CA LEU A 42 44.15 9.81 11.97
C LEU A 42 44.64 9.77 10.54
N THR A 43 43.83 9.18 9.66
CA THR A 43 44.14 9.05 8.23
C THR A 43 43.35 10.06 7.40
N ARG A 44 43.65 10.14 6.10
CA ARG A 44 42.96 11.06 5.18
C ARG A 44 42.33 10.24 4.06
N VAL A 45 41.08 10.54 3.73
CA VAL A 45 40.42 9.76 2.70
C VAL A 45 39.73 10.54 1.60
N ARG A 46 39.52 9.86 0.46
CA ARG A 46 38.85 10.44 -0.69
C ARG A 46 37.68 9.55 -1.10
N LEU A 47 36.49 9.94 -0.67
CA LEU A 47 35.29 9.19 -0.97
C LEU A 47 34.92 9.41 -2.45
N PRO A 48 34.00 8.61 -2.99
CA PRO A 48 33.58 8.72 -4.39
C PRO A 48 33.16 10.08 -4.94
N HIS A 49 32.67 10.98 -4.10
CA HIS A 49 32.21 12.27 -4.59
C HIS A 49 32.56 13.47 -3.73
N GLY A 50 32.15 14.65 -4.17
CA GLY A 50 32.47 15.83 -3.40
C GLY A 50 33.83 16.32 -3.83
N GLU A 51 34.44 17.18 -3.03
CA GLU A 51 35.74 17.75 -3.39
C GLU A 51 36.83 17.49 -2.36
N GLY A 52 38.02 17.16 -2.85
CA GLY A 52 39.17 16.95 -1.97
C GLY A 52 39.23 15.69 -1.12
N TRP A 53 39.79 15.83 0.07
CA TRP A 53 39.93 14.71 1.00
C TRP A 53 39.39 15.11 2.37
N ALA A 54 39.27 14.14 3.27
CA ALA A 54 38.77 14.42 4.60
C ALA A 54 39.51 13.62 5.67
N TRP A 55 39.56 14.15 6.89
CA TRP A 55 40.21 13.44 7.99
C TRP A 55 39.25 12.35 8.46
N LEU A 56 39.82 11.27 8.99
CA LEU A 56 39.08 10.10 9.48
C LEU A 56 39.65 9.53 10.79
N ALA A 57 38.87 9.63 11.87
CA ALA A 57 39.26 9.10 13.18
C ALA A 57 38.72 7.68 13.32
N THR A 58 39.59 6.73 13.68
CA THR A 58 39.20 5.35 13.84
C THR A 58 39.19 4.83 15.28
N ARG A 59 40.01 5.41 16.15
CA ARG A 59 40.06 4.95 17.54
C ARG A 59 38.85 5.31 18.39
N TYR A 60 38.41 4.37 19.22
CA TYR A 60 37.27 4.60 20.08
C TYR A 60 37.37 5.96 20.78
N ASP A 61 38.40 6.14 21.60
CA ASP A 61 38.61 7.38 22.34
C ASP A 61 38.57 8.64 21.46
N ASP A 62 39.17 8.57 20.27
CA ASP A 62 39.18 9.70 19.34
C ASP A 62 37.76 9.94 18.80
N VAL A 63 37.09 8.86 18.38
CA VAL A 63 35.73 8.92 17.86
C VAL A 63 34.73 9.51 18.87
N LYS A 64 34.85 9.12 20.13
CA LYS A 64 33.93 9.64 21.16
C LYS A 64 34.25 11.09 21.50
N ALA A 65 35.54 11.41 21.54
CA ALA A 65 35.94 12.77 21.87
C ALA A 65 35.51 13.76 20.78
N ILE A 66 35.94 13.50 19.54
CA ILE A 66 35.60 14.36 18.42
C ILE A 66 34.09 14.56 18.32
N THR A 67 33.33 13.49 18.54
CA THR A 67 31.88 13.53 18.45
C THR A 67 31.21 14.35 19.57
N ASN A 68 31.95 14.62 20.65
CA ASN A 68 31.42 15.40 21.78
C ASN A 68 32.10 16.74 22.03
N ASP A 69 32.93 17.18 21.09
CA ASP A 69 33.64 18.43 21.24
C ASP A 69 33.00 19.59 20.49
N PRO A 70 32.63 20.66 21.21
CA PRO A 70 32.00 21.86 20.64
C PRO A 70 32.84 22.55 19.58
N ARG A 71 34.10 22.13 19.45
CA ARG A 71 35.00 22.71 18.47
C ARG A 71 34.86 22.07 17.09
N PHE A 72 33.80 21.28 16.90
CA PHE A 72 33.53 20.66 15.60
C PHE A 72 32.06 20.88 15.32
N GLY A 73 31.77 21.53 14.20
CA GLY A 73 30.39 21.82 13.86
C GLY A 73 29.85 21.06 12.67
N ARG A 74 28.53 20.92 12.62
CA ARG A 74 27.87 20.22 11.52
C ARG A 74 27.31 21.22 10.52
N ALA A 75 26.78 22.33 11.01
CA ALA A 75 26.20 23.34 10.13
C ALA A 75 27.14 23.76 9.03
N GLU A 76 28.40 24.02 9.38
CA GLU A 76 29.38 24.44 8.39
C GLU A 76 29.50 23.48 7.21
N VAL A 77 29.22 22.21 7.42
CA VAL A 77 29.29 21.23 6.34
C VAL A 77 28.28 21.58 5.23
N THR A 78 27.14 22.14 5.62
CA THR A 78 26.07 22.48 4.67
C THR A 78 26.50 23.56 3.67
N GLN A 79 27.57 24.27 3.99
CA GLN A 79 28.08 25.34 3.15
C GLN A 79 29.25 24.89 2.27
N ARG A 80 29.81 23.73 2.59
CA ARG A 80 30.95 23.21 1.85
C ARG A 80 30.60 22.06 0.91
N GLN A 81 31.62 21.55 0.23
CA GLN A 81 31.47 20.44 -0.70
C GLN A 81 32.44 19.32 -0.33
N ILE A 82 32.46 18.97 0.95
CA ILE A 82 33.33 17.93 1.48
C ILE A 82 33.18 16.59 0.76
N THR A 83 34.29 15.88 0.56
CA THR A 83 34.22 14.59 -0.10
C THR A 83 33.14 13.79 0.62
N ARG A 84 32.36 13.01 -0.14
CA ARG A 84 31.28 12.26 0.45
C ARG A 84 30.96 11.02 -0.36
N LEU A 85 30.20 10.14 0.27
CA LEU A 85 29.77 8.90 -0.32
C LEU A 85 28.57 9.13 -1.25
N ALA A 86 27.68 10.03 -0.86
CA ALA A 86 26.51 10.30 -1.70
C ALA A 86 26.82 11.19 -2.90
N PRO A 87 26.37 10.79 -4.10
CA PRO A 87 26.58 11.52 -5.36
C PRO A 87 26.15 12.99 -5.31
N HIS A 88 25.05 13.28 -4.61
CA HIS A 88 24.58 14.64 -4.50
C HIS A 88 24.33 14.96 -3.02
N PHE A 89 24.56 16.21 -2.64
CA PHE A 89 24.36 16.64 -1.25
C PHE A 89 23.56 17.93 -1.19
N LYS A 90 22.31 17.84 -0.75
CA LYS A 90 21.45 19.01 -0.64
C LYS A 90 20.74 19.08 0.72
N PRO A 91 21.47 19.42 1.78
CA PRO A 91 20.92 19.52 3.13
C PRO A 91 19.67 20.38 3.22
N ARG A 92 18.67 19.90 3.95
CA ARG A 92 17.42 20.62 4.13
C ARG A 92 17.34 21.35 5.49
N PRO A 93 16.68 22.52 5.53
CA PRO A 93 16.51 23.34 6.74
C PRO A 93 15.70 22.55 7.80
N GLY A 94 16.15 22.60 9.05
CA GLY A 94 15.46 21.90 10.12
C GLY A 94 16.00 20.49 10.38
N SER A 95 17.13 20.18 9.75
CA SER A 95 17.76 18.87 9.91
C SER A 95 18.56 18.76 11.21
N LEU A 96 18.20 17.78 12.03
CA LEU A 96 18.91 17.59 13.30
C LEU A 96 20.37 17.29 12.97
N ALA A 97 20.56 16.39 12.01
CA ALA A 97 21.89 16.00 11.59
C ALA A 97 22.87 17.18 11.44
N PHE A 98 22.44 18.22 10.73
CA PHE A 98 23.31 19.38 10.51
C PHE A 98 23.04 20.60 11.37
N ALA A 99 22.32 20.42 12.48
CA ALA A 99 22.03 21.55 13.36
C ALA A 99 22.95 21.55 14.56
N ASP A 100 23.47 22.73 14.89
CA ASP A 100 24.34 22.89 16.05
C ASP A 100 23.53 23.62 17.12
N GLN A 101 24.06 23.68 18.34
CA GLN A 101 23.37 24.39 19.40
C GLN A 101 23.32 25.85 18.98
N PRO A 102 22.20 26.54 19.23
CA PRO A 102 21.00 26.04 19.90
C PRO A 102 19.96 25.43 18.97
N ASP A 103 20.14 25.59 17.66
CA ASP A 103 19.17 25.04 16.72
C ASP A 103 18.89 23.56 16.96
N HIS A 104 19.94 22.75 17.04
CA HIS A 104 19.75 21.32 17.26
C HIS A 104 18.85 21.10 18.46
N ASN A 105 19.16 21.80 19.54
CA ASN A 105 18.37 21.66 20.75
C ASN A 105 16.92 22.07 20.53
N ARG A 106 16.75 23.21 19.88
CA ARG A 106 15.42 23.75 19.59
C ARG A 106 14.61 22.79 18.71
N LEU A 107 15.29 22.17 17.76
CA LEU A 107 14.61 21.24 16.87
C LEU A 107 14.19 19.97 17.60
N ARG A 108 15.14 19.36 18.31
CA ARG A 108 14.90 18.13 19.06
C ARG A 108 13.72 18.19 20.03
N ARG A 109 13.57 19.30 20.74
CA ARG A 109 12.49 19.44 21.69
C ARG A 109 11.11 19.32 21.04
N ALA A 110 11.00 19.75 19.80
CA ALA A 110 9.74 19.70 19.08
C ALA A 110 9.27 18.30 18.69
N VAL A 111 10.17 17.30 18.75
CA VAL A 111 9.74 15.96 18.34
C VAL A 111 10.21 14.79 19.21
N ALA A 112 11.26 15.02 20.00
CA ALA A 112 11.85 14.00 20.85
C ALA A 112 10.92 13.26 21.82
N GLY A 113 9.89 13.92 22.32
CA GLY A 113 8.99 13.27 23.26
C GLY A 113 8.33 11.98 22.81
N ALA A 114 8.26 11.77 21.50
CA ALA A 114 7.64 10.57 20.99
C ALA A 114 8.64 9.41 20.83
N PHE A 115 9.92 9.69 21.12
CA PHE A 115 11.00 8.71 21.01
C PHE A 115 11.68 8.40 22.35
N THR A 116 11.02 8.81 23.44
CA THR A 116 11.53 8.56 24.79
C THR A 116 11.32 7.11 25.18
N VAL A 117 12.05 6.66 26.19
CA VAL A 117 11.93 5.31 26.71
C VAL A 117 10.48 5.07 27.10
N GLY A 118 9.92 6.01 27.85
CA GLY A 118 8.54 5.89 28.27
C GLY A 118 7.57 5.80 27.12
N ALA A 119 7.81 6.58 26.06
CA ALA A 119 6.93 6.55 24.89
C ALA A 119 7.03 5.20 24.19
N THR A 120 8.24 4.64 24.13
CA THR A 120 8.44 3.35 23.49
C THR A 120 7.69 2.24 24.24
N LYS A 121 7.73 2.27 25.56
CA LYS A 121 7.06 1.25 26.35
C LYS A 121 5.58 1.29 26.08
N ARG A 122 5.03 2.50 26.02
CA ARG A 122 3.63 2.71 25.76
C ARG A 122 3.27 2.16 24.38
N LEU A 123 4.19 2.31 23.43
CA LEU A 123 3.99 1.86 22.07
C LEU A 123 4.13 0.34 21.93
N ARG A 124 5.00 -0.24 22.75
CA ARG A 124 5.28 -1.65 22.68
C ARG A 124 4.12 -2.59 22.41
N PRO A 125 3.07 -2.54 23.26
CA PRO A 125 1.95 -3.43 23.04
C PRO A 125 1.40 -3.39 21.63
N ARG A 126 1.17 -2.19 21.13
CA ARG A 126 0.64 -2.02 19.79
C ARG A 126 1.62 -2.53 18.71
N ALA A 127 2.91 -2.28 18.90
CA ALA A 127 3.89 -2.72 17.91
C ALA A 127 3.83 -4.23 17.79
N GLN A 128 3.63 -4.90 18.92
CA GLN A 128 3.54 -6.36 18.99
C GLN A 128 2.36 -6.91 18.17
N GLU A 129 1.20 -6.29 18.30
CA GLU A 129 0.04 -6.74 17.54
C GLU A 129 0.30 -6.51 16.04
N ILE A 130 0.93 -5.40 15.69
CA ILE A 130 1.21 -5.15 14.28
C ILE A 130 2.09 -6.30 13.77
N LEU A 131 3.16 -6.58 14.50
CA LEU A 131 4.06 -7.66 14.11
C LEU A 131 3.31 -9.01 14.07
N ASP A 132 2.48 -9.27 15.07
CA ASP A 132 1.75 -10.53 15.06
C ASP A 132 0.83 -10.67 13.85
N GLY A 133 0.30 -9.56 13.38
CA GLY A 133 -0.56 -9.63 12.21
C GLY A 133 0.26 -10.03 11.01
N LEU A 134 1.40 -9.37 10.81
CA LEU A 134 2.25 -9.71 9.67
C LEU A 134 2.68 -11.18 9.75
N VAL A 135 3.03 -11.65 10.96
CA VAL A 135 3.44 -13.04 11.13
C VAL A 135 2.26 -14.01 10.89
N ASP A 136 1.05 -13.61 11.33
CA ASP A 136 -0.13 -14.47 11.09
C ASP A 136 -0.17 -14.71 9.59
N GLY A 137 -0.02 -13.63 8.83
CA GLY A 137 -0.03 -13.71 7.39
C GLY A 137 0.85 -14.81 6.82
N ILE A 138 2.15 -14.78 7.08
CA ILE A 138 3.04 -15.79 6.53
C ILE A 138 2.82 -17.20 7.08
N LEU A 139 2.34 -17.28 8.30
CA LEU A 139 2.06 -18.57 8.89
C LEU A 139 0.87 -19.18 8.17
N ALA A 140 -0.11 -18.33 7.85
CA ALA A 140 -1.31 -18.78 7.17
C ALA A 140 -0.99 -19.32 5.78
N GLU A 141 -0.15 -18.61 5.04
CA GLU A 141 0.22 -18.99 3.68
C GLU A 141 1.13 -20.21 3.57
N GLY A 142 2.01 -20.42 4.54
CA GLY A 142 2.91 -21.56 4.49
C GLY A 142 4.35 -21.17 4.22
N PRO A 143 5.32 -21.88 4.83
CA PRO A 143 6.78 -21.77 4.81
C PRO A 143 7.53 -20.89 3.80
N PRO A 144 7.48 -21.23 2.52
CA PRO A 144 8.25 -20.33 1.64
C PRO A 144 7.88 -18.83 1.85
N ALA A 145 8.79 -18.07 2.46
CA ALA A 145 8.53 -16.64 2.67
C ALA A 145 9.79 -15.78 2.79
N ASP A 146 9.81 -14.69 2.03
CA ASP A 146 10.93 -13.76 2.05
C ASP A 146 10.71 -12.85 3.26
N LEU A 147 11.44 -13.12 4.35
CA LEU A 147 11.32 -12.34 5.58
C LEU A 147 11.52 -10.83 5.44
N VAL A 148 12.35 -10.41 4.47
CA VAL A 148 12.55 -8.99 4.24
C VAL A 148 11.25 -8.34 3.75
N GLU A 149 10.73 -8.79 2.61
CA GLU A 149 9.50 -8.19 2.09
C GLU A 149 8.23 -8.37 2.95
N ARG A 150 8.10 -9.54 3.58
CA ARG A 150 6.92 -9.84 4.37
C ARG A 150 6.89 -9.34 5.81
N VAL A 151 8.05 -9.02 6.38
CA VAL A 151 8.07 -8.58 7.76
C VAL A 151 8.97 -7.42 8.11
N LEU A 152 10.25 -7.54 7.78
CA LEU A 152 11.25 -6.51 8.12
C LEU A 152 11.04 -5.18 7.43
N GLU A 153 10.48 -5.22 6.23
CA GLU A 153 10.20 -4.01 5.46
C GLU A 153 8.98 -3.26 6.01
N PRO A 154 7.81 -3.93 6.08
CA PRO A 154 6.60 -3.28 6.59
C PRO A 154 6.49 -3.02 8.10
N PHE A 155 7.05 -3.88 8.92
CA PHE A 155 6.93 -3.67 10.35
C PHE A 155 7.45 -2.31 10.81
N PRO A 156 8.72 -1.99 10.54
CA PRO A 156 9.25 -0.70 10.97
C PRO A 156 8.44 0.50 10.50
N ILE A 157 8.10 0.52 9.21
CA ILE A 157 7.34 1.64 8.66
C ILE A 157 6.02 1.84 9.39
N ALA A 158 5.31 0.75 9.64
CA ALA A 158 4.03 0.82 10.35
C ALA A 158 4.17 1.39 11.76
N VAL A 159 5.15 0.91 12.54
CA VAL A 159 5.33 1.40 13.90
C VAL A 159 5.71 2.88 13.85
N VAL A 160 6.67 3.22 13.00
CA VAL A 160 7.07 4.61 12.88
C VAL A 160 5.94 5.55 12.40
N SER A 161 5.00 5.05 11.59
CA SER A 161 3.90 5.92 11.16
C SER A 161 2.91 6.10 12.32
N GLU A 162 2.98 5.22 13.33
CA GLU A 162 2.13 5.33 14.52
C GLU A 162 2.75 6.39 15.42
N VAL A 163 4.06 6.27 15.58
CA VAL A 163 4.79 7.22 16.39
C VAL A 163 4.68 8.61 15.79
N MET A 164 4.86 8.69 14.47
CA MET A 164 4.79 9.97 13.79
C MET A 164 3.38 10.56 13.84
N GLY A 165 2.36 9.71 13.76
CA GLY A 165 0.99 10.21 13.81
C GLY A 165 0.24 10.29 12.51
N VAL A 166 0.59 9.45 11.55
CA VAL A 166 -0.11 9.44 10.27
C VAL A 166 -1.53 8.97 10.53
N PRO A 167 -2.53 9.60 9.89
CA PRO A 167 -3.94 9.26 10.04
C PRO A 167 -4.26 7.76 10.15
N ALA A 168 -4.59 7.16 9.02
CA ALA A 168 -4.94 5.75 8.97
C ALA A 168 -5.28 5.50 7.52
N ALA A 169 -6.19 6.32 7.00
CA ALA A 169 -6.59 6.21 5.61
C ALA A 169 -5.40 6.69 4.80
N ASP A 170 -4.46 7.35 5.45
CA ASP A 170 -3.27 7.84 4.76
C ASP A 170 -2.06 6.92 4.93
N ARG A 171 -2.10 6.05 5.94
CA ARG A 171 -1.01 5.11 6.19
C ARG A 171 -0.57 4.38 4.91
N GLU A 172 -1.53 3.76 4.22
CA GLU A 172 -1.25 3.03 2.99
C GLU A 172 -0.50 3.92 2.00
N ARG A 173 -0.83 5.21 2.00
CA ARG A 173 -0.18 6.17 1.09
C ARG A 173 1.23 6.49 1.52
N VAL A 174 1.40 6.76 2.81
CA VAL A 174 2.71 7.08 3.36
C VAL A 174 3.68 5.91 3.08
N HIS A 175 3.26 4.69 3.39
CA HIS A 175 4.09 3.50 3.16
C HIS A 175 4.50 3.41 1.68
N SER A 176 3.52 3.46 0.80
CA SER A 176 3.77 3.39 -0.63
C SER A 176 4.88 4.40 -1.01
N TRP A 177 4.77 5.63 -0.51
CA TRP A 177 5.78 6.66 -0.78
C TRP A 177 7.08 6.30 -0.09
N THR A 178 7.01 6.07 1.21
CA THR A 178 8.17 5.73 2.02
C THR A 178 9.00 4.65 1.32
N ARG A 179 8.36 3.87 0.46
CA ARG A 179 9.05 2.82 -0.28
C ARG A 179 10.02 3.41 -1.31
N GLN A 180 10.46 4.63 -1.02
CA GLN A 180 11.42 5.32 -1.87
C GLN A 180 12.77 4.87 -1.32
N ILE A 181 12.72 3.73 -0.63
CA ILE A 181 13.86 3.05 -0.03
C ILE A 181 14.15 1.91 -1.01
N ILE A 182 13.08 1.43 -1.65
CA ILE A 182 13.11 0.36 -2.64
C ILE A 182 14.14 -0.75 -2.39
N SER A 183 14.62 -1.30 -3.50
CA SER A 183 15.62 -2.36 -3.49
C SER A 183 16.80 -1.76 -4.25
N THR A 184 17.78 -1.25 -3.51
CA THR A 184 18.97 -0.61 -4.09
C THR A 184 18.54 0.72 -4.72
N SER A 185 17.34 0.71 -5.29
CA SER A 185 16.70 1.86 -5.95
C SER A 185 15.95 1.36 -7.18
N GLY A 186 14.73 1.86 -7.35
CA GLY A 186 13.92 1.49 -8.49
C GLY A 186 13.94 2.61 -9.50
N GLY A 187 14.66 3.68 -9.17
CA GLY A 187 14.75 4.82 -10.06
C GLY A 187 15.05 6.08 -9.30
N ALA A 188 15.89 6.93 -9.87
CA ALA A 188 16.26 8.19 -9.24
C ALA A 188 15.13 9.20 -9.37
N GLU A 189 14.72 9.45 -10.62
CA GLU A 189 13.65 10.39 -10.88
C GLU A 189 12.36 9.93 -10.18
N ALA A 190 12.25 8.62 -9.94
CA ALA A 190 11.09 8.05 -9.26
C ALA A 190 11.16 8.30 -7.76
N ALA A 191 12.37 8.26 -7.20
CA ALA A 191 12.57 8.50 -5.77
C ALA A 191 12.24 9.95 -5.45
N GLU A 192 12.71 10.86 -6.30
CA GLU A 192 12.46 12.29 -6.12
C GLU A 192 11.01 12.59 -6.49
N ARG A 193 10.24 11.53 -6.68
CA ARG A 193 8.84 11.65 -7.02
C ARG A 193 8.08 11.27 -5.76
N ALA A 194 8.40 10.09 -5.23
CA ALA A 194 7.76 9.59 -4.03
C ALA A 194 7.85 10.58 -2.87
N LYS A 195 8.97 11.29 -2.76
CA LYS A 195 9.13 12.25 -1.68
C LYS A 195 8.48 13.58 -2.03
N ARG A 196 8.36 13.84 -3.33
CA ARG A 196 7.72 15.09 -3.76
C ARG A 196 6.31 14.99 -3.21
N GLY A 197 5.78 13.77 -3.19
CA GLY A 197 4.45 13.53 -2.67
C GLY A 197 4.45 13.46 -1.16
N LEU A 198 5.42 12.73 -0.61
CA LEU A 198 5.55 12.58 0.84
C LEU A 198 5.84 13.89 1.55
N TYR A 199 6.75 14.68 1.00
CA TYR A 199 7.09 15.95 1.65
C TYR A 199 6.00 17.00 1.48
N GLY A 200 5.16 16.82 0.48
CA GLY A 200 4.07 17.76 0.28
C GLY A 200 3.03 17.42 1.34
N TRP A 201 2.84 16.12 1.55
CA TRP A 201 1.89 15.63 2.53
C TRP A 201 2.34 16.02 3.94
N ILE A 202 3.64 15.90 4.21
CA ILE A 202 4.15 16.27 5.53
C ILE A 202 3.87 17.76 5.76
N THR A 203 4.23 18.59 4.78
CA THR A 203 4.02 20.03 4.89
C THR A 203 2.57 20.35 5.24
N GLU A 204 1.64 19.78 4.49
CA GLU A 204 0.22 20.00 4.70
C GLU A 204 -0.27 19.51 6.06
N THR A 205 0.18 18.31 6.44
CA THR A 205 -0.22 17.72 7.71
C THR A 205 0.21 18.63 8.87
N VAL A 206 1.41 19.19 8.74
CA VAL A 206 1.96 20.07 9.77
C VAL A 206 1.19 21.38 9.84
N ARG A 207 0.81 21.92 8.69
CA ARG A 207 0.06 23.16 8.63
C ARG A 207 -1.24 22.95 9.40
N ALA A 208 -1.90 21.83 9.16
CA ALA A 208 -3.09 21.50 9.92
C ALA A 208 -2.42 21.11 11.24
N ARG A 209 -3.16 20.99 12.33
CA ARG A 209 -2.50 20.64 13.59
C ARG A 209 -1.71 21.81 14.12
N ALA A 210 -2.00 23.00 13.59
CA ALA A 210 -1.33 24.23 14.03
C ALA A 210 -1.57 24.32 15.51
N GLY A 211 -2.80 24.04 15.91
CA GLY A 211 -3.16 24.06 17.30
C GLY A 211 -3.55 22.64 17.65
N SER A 212 -2.63 21.92 18.29
CA SER A 212 -2.84 20.54 18.67
C SER A 212 -2.07 20.20 19.93
N GLU A 213 -2.69 19.40 20.79
CA GLU A 213 -2.06 18.97 22.05
C GLU A 213 -1.37 17.62 21.81
N GLY A 214 -1.86 16.90 20.79
CA GLY A 214 -1.33 15.60 20.41
C GLY A 214 0.10 15.24 20.78
N GLY A 215 0.31 13.95 21.06
CA GLY A 215 1.62 13.45 21.42
C GLY A 215 2.41 13.07 20.18
N ASP A 216 1.67 12.92 19.07
CA ASP A 216 2.23 12.60 17.76
C ASP A 216 3.41 13.49 17.44
N VAL A 217 4.23 13.08 16.47
CA VAL A 217 5.34 13.92 16.05
C VAL A 217 4.69 15.02 15.21
N TYR A 218 3.98 14.64 14.16
CA TYR A 218 3.31 15.61 13.30
C TYR A 218 2.52 16.65 14.09
N SER A 219 1.70 16.20 15.05
CA SER A 219 0.92 17.11 15.89
C SER A 219 1.84 18.06 16.68
N MET A 220 2.80 17.51 17.43
CA MET A 220 3.70 18.34 18.20
C MET A 220 4.49 19.34 17.35
N LEU A 221 4.83 18.93 16.14
CA LEU A 221 5.58 19.76 15.21
C LEU A 221 4.68 20.89 14.78
N GLY A 222 3.41 20.55 14.52
CA GLY A 222 2.43 21.53 14.09
C GLY A 222 2.14 22.57 15.15
N ALA A 223 2.18 22.15 16.41
CA ALA A 223 1.92 23.10 17.49
C ALA A 223 3.15 23.98 17.62
N ALA A 224 4.33 23.40 17.39
CA ALA A 224 5.57 24.17 17.48
C ALA A 224 5.64 25.15 16.32
N VAL A 225 5.17 24.71 15.15
CA VAL A 225 5.17 25.59 13.99
C VAL A 225 4.28 26.79 14.30
N GLY A 226 3.04 26.51 14.65
CA GLY A 226 2.09 27.58 14.97
C GLY A 226 2.60 28.53 16.03
N ARG A 227 3.32 27.99 17.02
CA ARG A 227 3.87 28.82 18.09
C ARG A 227 5.18 29.47 17.66
N GLY A 228 5.56 29.24 16.42
CA GLY A 228 6.79 29.81 15.89
C GLY A 228 8.06 29.33 16.55
N GLU A 229 8.03 28.15 17.16
CA GLU A 229 9.21 27.60 17.83
C GLU A 229 10.15 26.98 16.81
N VAL A 230 9.57 26.39 15.77
CA VAL A 230 10.34 25.76 14.69
C VAL A 230 9.53 25.87 13.42
N GLY A 231 8.92 27.05 13.21
CA GLY A 231 8.10 27.28 12.04
C GLY A 231 8.45 26.55 10.76
N GLU A 232 7.52 26.60 9.79
CA GLU A 232 7.67 25.94 8.49
C GLU A 232 9.07 26.10 7.90
N THR A 233 9.28 25.58 6.70
CA THR A 233 10.59 25.64 6.06
C THR A 233 11.48 24.57 6.73
N GLU A 234 11.30 24.37 8.04
CA GLU A 234 12.10 23.38 8.76
C GLU A 234 11.39 22.05 8.98
N ALA A 235 10.08 22.02 8.78
CA ALA A 235 9.29 20.82 8.96
C ALA A 235 9.85 19.57 8.25
N VAL A 236 9.89 19.59 6.93
CA VAL A 236 10.39 18.44 6.16
C VAL A 236 11.77 17.96 6.56
N GLY A 237 12.68 18.90 6.78
CA GLY A 237 14.03 18.51 7.16
C GLY A 237 14.07 17.87 8.51
N LEU A 238 13.14 18.26 9.39
CA LEU A 238 13.09 17.72 10.74
C LEU A 238 12.33 16.39 10.75
N ALA A 239 11.11 16.36 10.21
CA ALA A 239 10.33 15.12 10.22
C ALA A 239 10.69 14.11 9.13
N GLY A 240 11.09 14.59 7.95
CA GLY A 240 11.45 13.70 6.85
C GLY A 240 12.29 12.50 7.26
N PRO A 241 13.45 12.73 7.91
CA PRO A 241 14.34 11.65 8.36
C PRO A 241 13.68 10.64 9.31
N LEU A 242 12.82 11.14 10.20
CA LEU A 242 12.13 10.29 11.15
C LEU A 242 11.09 9.39 10.48
N GLN A 243 10.28 9.99 9.60
CA GLN A 243 9.23 9.23 8.90
C GLN A 243 9.83 8.10 8.08
N ILE A 244 11.01 8.32 7.52
CA ILE A 244 11.66 7.31 6.70
C ILE A 244 12.76 6.57 7.47
N GLY A 245 12.97 6.92 8.74
CA GLY A 245 14.02 6.30 9.52
C GLY A 245 13.86 4.83 9.85
N GLY A 246 12.67 4.28 9.62
CA GLY A 246 12.41 2.88 9.90
C GLY A 246 13.28 1.89 9.13
N GLU A 247 13.64 2.19 7.88
CA GLU A 247 14.46 1.28 7.11
C GLU A 247 15.77 0.93 7.82
N ALA A 248 16.27 1.82 8.65
CA ALA A 248 17.50 1.52 9.35
C ALA A 248 17.31 0.21 10.13
N VAL A 249 16.11 0.03 10.70
CA VAL A 249 15.72 -1.19 11.46
C VAL A 249 15.58 -2.37 10.50
N THR A 250 14.92 -2.13 9.38
CA THR A 250 14.73 -3.15 8.37
C THR A 250 16.07 -3.79 7.95
N HIS A 251 17.06 -2.98 7.65
CA HIS A 251 18.37 -3.50 7.22
C HIS A 251 19.25 -4.00 8.36
N ASN A 252 19.28 -3.33 9.50
CA ASN A 252 20.14 -3.81 10.57
C ASN A 252 19.66 -5.18 11.05
N VAL A 253 18.35 -5.35 11.25
CA VAL A 253 17.84 -6.62 11.72
C VAL A 253 17.99 -7.67 10.62
N GLY A 254 17.94 -7.22 9.37
CA GLY A 254 18.13 -8.15 8.27
C GLY A 254 19.51 -8.80 8.39
N GLN A 255 20.49 -8.03 8.84
CA GLN A 255 21.85 -8.54 9.01
C GLN A 255 21.89 -9.48 10.21
N MET A 256 21.25 -9.07 11.29
CA MET A 256 21.18 -9.90 12.49
C MET A 256 20.70 -11.29 12.14
N LEU A 257 19.51 -11.36 11.51
CA LEU A 257 18.94 -12.64 11.11
C LEU A 257 19.84 -13.39 10.14
N TYR A 258 20.41 -12.68 9.19
CA TYR A 258 21.29 -13.34 8.22
C TYR A 258 22.40 -14.06 8.97
N LEU A 259 22.89 -13.44 10.03
CA LEU A 259 23.96 -14.03 10.82
C LEU A 259 23.42 -15.24 11.59
N LEU A 260 22.18 -15.14 12.07
CA LEU A 260 21.58 -16.24 12.80
C LEU A 260 21.30 -17.43 11.87
N LEU A 261 20.87 -17.14 10.66
CA LEU A 261 20.54 -18.16 9.69
C LEU A 261 21.76 -18.76 8.99
N THR A 262 22.94 -18.17 9.16
CA THR A 262 24.13 -18.74 8.53
C THR A 262 25.22 -19.15 9.52
N ARG A 263 24.96 -19.03 10.82
CA ARG A 263 25.93 -19.44 11.82
C ARG A 263 25.22 -20.08 13.01
N ARG A 264 25.03 -21.39 12.89
CA ARG A 264 24.36 -22.22 13.87
C ARG A 264 24.65 -21.92 15.33
N GLU A 265 25.93 -21.70 15.63
CA GLU A 265 26.33 -21.41 17.00
C GLU A 265 25.52 -20.24 17.52
N LEU A 266 25.47 -19.17 16.74
CA LEU A 266 24.74 -17.98 17.13
C LEU A 266 23.27 -18.27 17.38
N MET A 267 22.63 -18.95 16.43
CA MET A 267 21.21 -19.29 16.52
C MET A 267 20.85 -20.08 17.76
N ALA A 268 21.65 -21.13 18.02
CA ALA A 268 21.43 -21.97 19.20
C ALA A 268 21.54 -21.09 20.45
N ARG A 269 22.55 -20.22 20.50
CA ARG A 269 22.71 -19.33 21.66
C ARG A 269 21.45 -18.48 21.90
N MET A 270 20.98 -17.81 20.85
CA MET A 270 19.81 -16.94 20.95
C MET A 270 18.53 -17.71 21.33
N ARG A 271 18.36 -18.90 20.76
CA ARG A 271 17.18 -19.72 21.07
C ARG A 271 17.17 -20.27 22.49
N GLU A 272 18.34 -20.53 23.06
CA GLU A 272 18.41 -21.06 24.42
C GLU A 272 18.28 -20.02 25.54
N ARG A 273 18.34 -18.74 25.19
CA ARG A 273 18.26 -17.67 26.21
C ARG A 273 17.06 -16.70 26.08
N PRO A 274 15.83 -17.22 26.08
CA PRO A 274 14.70 -16.29 25.97
C PRO A 274 14.71 -15.40 27.20
N GLY A 275 14.25 -14.16 27.08
CA GLY A 275 14.22 -13.27 28.23
C GLY A 275 15.59 -12.74 28.65
N ALA A 276 16.65 -13.22 27.99
CA ALA A 276 18.01 -12.78 28.30
C ALA A 276 18.84 -12.65 27.03
N ARG A 277 18.25 -12.07 25.99
CA ARG A 277 18.94 -11.88 24.71
C ARG A 277 19.58 -10.49 24.64
N GLY A 278 19.48 -9.76 25.75
CA GLY A 278 20.03 -8.41 25.81
C GLY A 278 21.45 -8.25 25.31
N THR A 279 22.42 -8.87 25.99
CA THR A 279 23.81 -8.75 25.57
C THR A 279 24.05 -9.32 24.17
N ALA A 280 23.26 -10.29 23.77
CA ALA A 280 23.44 -10.85 22.44
C ALA A 280 22.98 -9.83 21.38
N LEU A 281 21.93 -9.09 21.65
CA LEU A 281 21.50 -8.12 20.64
C LEU A 281 22.51 -6.99 20.55
N ASP A 282 23.12 -6.62 21.67
CA ASP A 282 24.09 -5.54 21.63
C ASP A 282 25.36 -5.93 20.92
N GLU A 283 25.76 -7.19 21.06
CA GLU A 283 26.95 -7.69 20.41
C GLU A 283 26.77 -7.67 18.90
N LEU A 284 25.54 -7.91 18.45
CA LEU A 284 25.25 -7.91 17.02
C LEU A 284 25.38 -6.49 16.49
N LEU A 285 24.83 -5.54 17.24
CA LEU A 285 24.88 -4.14 16.86
C LEU A 285 26.33 -3.69 16.71
N ARG A 286 27.17 -4.11 17.65
CA ARG A 286 28.59 -3.76 17.64
C ARG A 286 29.33 -4.34 16.44
N TRP A 287 29.10 -5.61 16.14
CA TRP A 287 29.79 -6.30 15.06
C TRP A 287 29.32 -5.92 13.66
N ILE A 288 28.01 -5.85 13.48
CA ILE A 288 27.41 -5.54 12.19
C ILE A 288 27.82 -4.20 11.58
N SER A 289 28.27 -4.23 10.34
CA SER A 289 28.64 -3.02 9.63
C SER A 289 27.33 -2.46 9.06
N HIS A 290 26.73 -1.55 9.82
CA HIS A 290 25.45 -1.00 9.46
C HIS A 290 25.38 -0.18 8.17
N ARG A 291 26.41 0.63 7.93
CA ARG A 291 26.42 1.48 6.75
C ARG A 291 27.67 1.20 5.95
N THR A 292 27.72 1.79 4.76
CA THR A 292 28.89 1.65 3.90
C THR A 292 29.66 2.94 4.15
N SER A 293 30.99 2.86 4.17
CA SER A 293 31.85 4.01 4.39
C SER A 293 31.49 4.79 5.65
N VAL A 294 31.71 6.10 5.62
CA VAL A 294 31.42 6.98 6.74
C VAL A 294 30.45 8.02 6.19
N GLY A 295 29.67 8.68 7.05
CA GLY A 295 28.70 9.62 6.55
C GLY A 295 28.61 11.10 6.87
N LEU A 296 28.32 11.46 8.11
CA LEU A 296 28.16 12.87 8.45
C LEU A 296 29.37 13.49 9.12
N ALA A 297 30.20 14.16 8.32
CA ALA A 297 31.41 14.78 8.83
C ALA A 297 31.18 16.06 9.59
N ARG A 298 32.20 16.46 10.33
CA ARG A 298 32.14 17.69 11.08
C ARG A 298 33.27 18.55 10.55
N ILE A 299 33.14 19.86 10.74
CA ILE A 299 34.14 20.82 10.32
C ILE A 299 34.89 21.27 11.56
N ALA A 300 36.21 21.33 11.49
CA ALA A 300 37.00 21.80 12.62
C ALA A 300 36.71 23.29 12.75
N LEU A 301 36.22 23.72 13.91
CA LEU A 301 35.90 25.14 14.10
C LEU A 301 37.05 26.03 14.60
N GLU A 302 37.92 25.52 15.48
CA GLU A 302 39.01 26.34 15.99
C GLU A 302 40.38 25.68 16.03
N ASP A 303 40.77 25.03 14.94
CA ASP A 303 42.08 24.38 14.87
C ASP A 303 42.39 23.51 16.09
N VAL A 304 42.36 22.20 15.91
CA VAL A 304 42.60 21.27 17.02
C VAL A 304 43.64 20.20 16.71
N GLU A 305 44.14 19.54 17.73
CA GLU A 305 45.10 18.46 17.58
C GLU A 305 44.48 17.20 18.20
N VAL A 306 44.39 16.13 17.41
CA VAL A 306 43.78 14.90 17.89
C VAL A 306 44.70 13.70 17.83
N HIS A 307 44.88 13.06 18.98
CA HIS A 307 45.72 11.87 19.07
C HIS A 307 47.07 12.12 18.40
N GLY A 308 47.65 13.29 18.64
CA GLY A 308 48.93 13.62 18.05
C GLY A 308 48.84 14.40 16.75
N THR A 309 47.82 14.10 15.94
CA THR A 309 47.63 14.78 14.66
C THR A 309 46.95 16.13 14.77
N ARG A 310 47.50 17.11 14.05
CA ARG A 310 46.96 18.47 14.05
C ARG A 310 46.00 18.68 12.88
N ILE A 311 44.75 18.98 13.22
CA ILE A 311 43.75 19.24 12.19
C ILE A 311 43.46 20.74 12.10
N ALA A 312 43.79 21.32 10.95
CA ALA A 312 43.60 22.76 10.73
C ALA A 312 42.13 23.19 10.66
N ALA A 313 41.83 24.32 11.29
CA ALA A 313 40.47 24.82 11.29
C ALA A 313 39.95 24.94 9.85
N GLY A 314 38.77 24.37 9.61
CA GLY A 314 38.18 24.41 8.30
C GLY A 314 38.26 23.07 7.57
N GLU A 315 39.10 22.17 8.04
CA GLU A 315 39.23 20.89 7.37
C GLU A 315 38.14 19.96 7.90
N PRO A 316 37.58 19.12 7.03
CA PRO A 316 36.51 18.20 7.43
C PRO A 316 37.04 16.94 8.13
N VAL A 317 36.28 16.44 9.11
CA VAL A 317 36.68 15.24 9.84
C VAL A 317 35.56 14.20 9.99
N TYR A 318 35.79 13.00 9.45
CA TYR A 318 34.83 11.90 9.56
C TYR A 318 35.32 10.96 10.67
N VAL A 319 34.37 10.32 11.35
CA VAL A 319 34.68 9.35 12.38
C VAL A 319 33.97 8.08 11.90
N SER A 320 34.43 6.91 12.35
CA SER A 320 33.82 5.66 11.95
C SER A 320 33.39 4.86 13.18
N TYR A 321 32.10 4.86 13.47
CA TYR A 321 31.60 4.11 14.63
C TYR A 321 31.79 2.61 14.44
N LEU A 322 31.81 2.16 13.19
CA LEU A 322 32.02 0.74 12.89
C LEU A 322 33.45 0.37 13.30
N ALA A 323 34.39 1.25 12.96
CA ALA A 323 35.79 1.02 13.29
C ALA A 323 35.99 1.18 14.79
N ALA A 324 35.33 2.19 15.36
CA ALA A 324 35.42 2.46 16.78
C ALA A 324 34.96 1.22 17.53
N ASN A 325 33.93 0.59 16.98
CA ASN A 325 33.37 -0.63 17.56
C ASN A 325 34.26 -1.87 17.53
N ARG A 326 35.31 -1.85 16.71
CA ARG A 326 36.23 -2.97 16.61
C ARG A 326 37.60 -2.61 17.22
N ASP A 327 37.60 -1.67 18.17
CA ASP A 327 38.81 -1.21 18.83
C ASP A 327 39.41 -2.26 19.79
N PRO A 328 40.53 -2.91 19.40
CA PRO A 328 41.17 -3.92 20.23
C PRO A 328 41.36 -3.48 21.68
N ASP A 329 41.67 -2.21 21.86
CA ASP A 329 41.88 -1.70 23.21
C ASP A 329 40.58 -1.56 24.01
N VAL A 330 39.44 -1.72 23.35
CA VAL A 330 38.16 -1.60 24.05
C VAL A 330 37.33 -2.88 23.93
N PHE A 331 37.54 -3.61 22.84
CA PHE A 331 36.82 -4.85 22.61
C PHE A 331 37.79 -6.00 22.26
N PRO A 332 38.44 -6.60 23.26
CA PRO A 332 39.38 -7.70 23.02
C PRO A 332 38.80 -8.71 22.02
N ASP A 333 39.63 -9.20 21.10
CA ASP A 333 39.20 -10.14 20.07
C ASP A 333 38.02 -9.45 19.40
N PRO A 334 38.23 -8.21 18.94
CA PRO A 334 37.21 -7.39 18.27
C PRO A 334 36.37 -8.05 17.18
N ASP A 335 36.96 -8.89 16.35
CA ASP A 335 36.20 -9.50 15.27
C ASP A 335 35.43 -10.77 15.61
N ARG A 336 35.45 -11.17 16.87
CA ARG A 336 34.73 -12.36 17.27
C ARG A 336 33.36 -11.95 17.79
N ILE A 337 32.31 -12.53 17.23
CA ILE A 337 30.95 -12.24 17.70
C ILE A 337 30.85 -13.07 18.97
N ASP A 338 31.02 -12.43 20.11
CA ASP A 338 30.97 -13.17 21.37
C ASP A 338 29.58 -13.32 21.97
N LEU A 339 28.91 -12.21 22.20
CA LEU A 339 27.62 -12.22 22.87
C LEU A 339 28.15 -12.35 24.30
N ASP A 340 27.27 -12.46 25.30
CA ASP A 340 27.72 -12.53 26.69
C ASP A 340 28.61 -11.32 27.08
N ARG A 341 29.14 -10.59 26.09
CA ARG A 341 30.02 -9.43 26.36
C ARG A 341 29.65 -8.53 27.54
N ASP A 342 30.67 -8.21 28.35
CA ASP A 342 30.55 -7.33 29.52
C ASP A 342 29.95 -6.00 29.06
N PRO A 343 30.20 -4.88 29.78
CA PRO A 343 29.62 -3.62 29.33
C PRO A 343 29.40 -3.39 27.81
N ASN A 344 30.37 -3.75 26.97
CA ASN A 344 30.23 -3.58 25.53
C ASN A 344 29.69 -2.19 25.19
N PRO A 345 30.49 -1.14 25.44
CA PRO A 345 30.07 0.23 25.17
C PRO A 345 30.17 0.56 23.69
N HIS A 346 29.42 -0.16 22.86
CA HIS A 346 29.50 0.09 21.41
C HIS A 346 28.83 1.41 21.03
N LEU A 347 29.29 1.98 19.94
CA LEU A 347 28.75 3.24 19.50
C LEU A 347 27.93 3.14 18.23
N ALA A 348 27.17 2.07 18.10
CA ALA A 348 26.35 1.85 16.91
C ALA A 348 25.33 2.96 16.66
N TYR A 349 24.95 3.67 17.72
CA TYR A 349 23.99 4.74 17.59
C TYR A 349 24.63 6.11 17.72
N GLY A 350 25.94 6.17 17.53
CA GLY A 350 26.63 7.44 17.69
C GLY A 350 26.75 7.82 19.14
N ASN A 351 27.06 9.08 19.41
CA ASN A 351 27.20 9.55 20.77
C ASN A 351 27.12 11.07 20.69
N GLY A 352 26.92 11.74 21.83
CA GLY A 352 26.81 13.19 21.83
C GLY A 352 25.38 13.65 21.52
N HIS A 353 25.20 14.94 21.25
CA HIS A 353 23.86 15.45 20.94
C HIS A 353 23.22 14.82 19.71
N HIS A 354 24.03 14.46 18.73
CA HIS A 354 23.54 13.83 17.50
C HIS A 354 23.23 12.34 17.66
N PHE A 355 23.28 11.86 18.91
CA PHE A 355 22.97 10.46 19.19
C PHE A 355 21.65 10.13 18.47
N CYS A 356 21.52 8.90 17.96
CA CYS A 356 20.31 8.50 17.24
C CYS A 356 19.00 8.80 17.98
N THR A 357 18.18 9.66 17.37
CA THR A 357 16.91 10.08 17.95
C THR A 357 16.02 8.87 18.20
N GLY A 358 16.14 7.87 17.33
CA GLY A 358 15.33 6.66 17.45
C GLY A 358 16.01 5.45 18.09
N ALA A 359 17.15 5.65 18.72
CA ALA A 359 17.86 4.53 19.36
C ALA A 359 16.91 3.60 20.08
N VAL A 360 16.15 4.13 21.05
CA VAL A 360 15.23 3.31 21.81
C VAL A 360 14.15 2.69 20.97
N LEU A 361 13.54 3.46 20.08
CA LEU A 361 12.48 2.92 19.24
C LEU A 361 13.05 1.75 18.42
N ALA A 362 14.21 1.95 17.78
CA ALA A 362 14.82 0.89 16.99
C ALA A 362 15.11 -0.35 17.82
N ARG A 363 15.63 -0.12 19.03
CA ARG A 363 15.96 -1.23 19.91
C ARG A 363 14.73 -2.05 20.28
N MET A 364 13.64 -1.37 20.60
CA MET A 364 12.41 -2.06 20.98
C MET A 364 11.89 -2.87 19.81
N GLN A 365 11.92 -2.29 18.61
CA GLN A 365 11.49 -2.97 17.40
C GLN A 365 12.32 -4.22 17.16
N THR A 366 13.62 -4.12 17.42
CA THR A 366 14.55 -5.23 17.23
C THR A 366 14.31 -6.35 18.25
N GLU A 367 13.93 -5.98 19.45
CA GLU A 367 13.67 -7.00 20.45
C GLU A 367 12.40 -7.78 20.07
N LEU A 368 11.42 -7.10 19.50
CA LEU A 368 10.19 -7.78 19.13
C LEU A 368 10.38 -8.73 17.97
N LEU A 369 11.08 -8.27 16.94
CA LEU A 369 11.32 -9.09 15.75
C LEU A 369 12.02 -10.37 16.11
N VAL A 370 13.20 -10.24 16.70
CA VAL A 370 13.94 -11.43 17.08
C VAL A 370 13.09 -12.38 17.93
N ASP A 371 12.52 -11.87 19.02
CA ASP A 371 11.67 -12.66 19.92
C ASP A 371 10.45 -13.31 19.25
N THR A 372 9.69 -12.51 18.50
CA THR A 372 8.51 -13.02 17.84
C THR A 372 8.86 -14.03 16.77
N LEU A 373 9.83 -13.71 15.92
CA LEU A 373 10.21 -14.61 14.85
C LEU A 373 10.74 -15.95 15.38
N LEU A 374 11.63 -15.90 16.37
CA LEU A 374 12.18 -17.13 16.93
C LEU A 374 11.08 -17.97 17.59
N GLU A 375 10.12 -17.29 18.21
CA GLU A 375 9.02 -18.00 18.86
C GLU A 375 7.92 -18.50 17.91
N ARG A 376 7.45 -17.63 17.01
CA ARG A 376 6.37 -18.00 16.09
C ARG A 376 6.70 -18.81 14.84
N LEU A 377 7.98 -18.91 14.51
CA LEU A 377 8.41 -19.67 13.33
C LEU A 377 9.41 -20.73 13.81
N PRO A 378 8.92 -21.82 14.38
CA PRO A 378 9.80 -22.88 14.89
C PRO A 378 10.62 -23.51 13.76
N GLY A 379 11.92 -23.65 14.02
CA GLY A 379 12.80 -24.25 13.01
C GLY A 379 13.18 -23.34 11.86
N LEU A 380 13.04 -22.02 12.07
CA LEU A 380 13.37 -21.01 11.07
C LEU A 380 14.74 -21.28 10.46
N ARG A 381 14.78 -21.37 9.14
CA ARG A 381 16.01 -21.65 8.39
C ARG A 381 15.90 -21.03 7.01
N LEU A 382 17.04 -20.83 6.36
CA LEU A 382 17.04 -20.28 5.00
C LEU A 382 16.46 -21.35 4.07
N ALA A 383 15.59 -20.93 3.16
CA ALA A 383 14.96 -21.85 2.21
C ALA A 383 15.90 -22.11 1.02
N VAL A 384 16.87 -21.22 0.86
CA VAL A 384 17.88 -21.25 -0.21
C VAL A 384 19.28 -21.12 0.37
N PRO A 385 20.31 -21.53 -0.39
CA PRO A 385 21.70 -21.45 0.07
C PRO A 385 21.99 -19.97 0.37
N ALA A 386 22.91 -19.71 1.30
CA ALA A 386 23.23 -18.32 1.64
C ALA A 386 23.68 -17.43 0.48
N GLU A 387 24.46 -17.99 -0.44
CA GLU A 387 24.99 -17.22 -1.59
C GLU A 387 23.92 -16.69 -2.53
N GLN A 388 22.71 -17.21 -2.39
CA GLN A 388 21.63 -16.75 -3.23
C GLN A 388 20.99 -15.53 -2.64
N VAL A 389 21.32 -15.21 -1.41
CA VAL A 389 20.77 -14.00 -0.83
C VAL A 389 21.57 -12.83 -1.37
N ALA A 390 20.91 -11.97 -2.13
CA ALA A 390 21.54 -10.79 -2.72
C ALA A 390 21.66 -9.66 -1.70
N TRP A 391 22.64 -8.79 -1.88
CA TRP A 391 22.83 -7.68 -0.96
C TRP A 391 22.72 -6.32 -1.59
N ARG A 392 22.28 -5.33 -0.80
CA ARG A 392 22.13 -3.95 -1.28
C ARG A 392 23.44 -3.38 -1.80
N ARG A 393 23.37 -2.68 -2.92
CA ARG A 393 24.53 -2.07 -3.54
C ARG A 393 24.28 -0.58 -3.81
N LYS A 394 25.35 0.21 -3.79
CA LYS A 394 25.30 1.66 -4.03
C LYS A 394 24.28 2.31 -3.07
N THR A 395 24.33 1.86 -1.82
CA THR A 395 23.39 2.32 -0.80
C THR A 395 24.10 2.66 0.50
N MET A 396 23.68 3.72 1.16
CA MET A 396 24.29 4.11 2.41
C MET A 396 24.23 3.02 3.47
N ILE A 397 23.05 2.45 3.66
CA ILE A 397 22.86 1.40 4.64
C ILE A 397 23.00 0.00 4.03
N ARG A 398 23.74 -0.87 4.70
CA ARG A 398 23.96 -2.23 4.24
C ARG A 398 22.94 -3.24 4.73
N GLY A 399 22.72 -4.26 3.92
CA GLY A 399 21.77 -5.28 4.33
C GLY A 399 21.37 -6.23 3.24
N PRO A 400 20.75 -7.36 3.61
CA PRO A 400 20.32 -8.34 2.62
C PRO A 400 19.08 -7.77 1.94
N ARG A 401 18.93 -8.04 0.65
CA ARG A 401 17.77 -7.53 -0.10
C ARG A 401 16.55 -8.41 0.14
N THR A 402 16.78 -9.68 0.44
CA THR A 402 15.74 -10.66 0.72
C THR A 402 16.28 -11.70 1.71
N LEU A 403 15.39 -12.43 2.36
CA LEU A 403 15.80 -13.51 3.27
C LEU A 403 14.73 -14.58 3.15
N PRO A 404 14.88 -15.47 2.13
CA PRO A 404 13.95 -16.57 1.87
C PRO A 404 14.10 -17.59 2.99
N CYS A 405 13.01 -17.81 3.70
CA CYS A 405 13.06 -18.71 4.81
C CYS A 405 11.98 -19.74 4.80
N THR A 406 12.23 -20.78 5.59
CA THR A 406 11.27 -21.85 5.75
C THR A 406 11.18 -22.16 7.24
N TRP A 407 10.16 -22.92 7.65
CA TRP A 407 9.99 -23.27 9.06
C TRP A 407 9.00 -24.42 9.13
N HIS A 408 8.99 -25.14 10.26
CA HIS A 408 8.07 -26.28 10.44
C HIS A 408 6.61 -25.97 10.08
N HIS A 409 6.06 -26.75 9.15
CA HIS A 409 4.68 -26.56 8.78
C HIS A 409 3.88 -27.85 8.99
N HIS A 410 3.91 -28.80 8.05
CA HIS A 410 3.13 -30.03 8.24
C HIS A 410 3.51 -31.39 7.66
N HIS A 411 2.85 -32.36 8.28
CA HIS A 411 2.97 -33.79 8.07
C HIS A 411 1.98 -34.24 6.96
N PRO B 13 -36.76 -24.69 -31.66
CA PRO B 13 -35.64 -24.34 -30.74
C PRO B 13 -34.40 -23.97 -31.54
N PRO B 14 -34.03 -22.68 -31.53
CA PRO B 14 -32.85 -22.18 -32.27
C PRO B 14 -31.58 -22.94 -31.91
N PRO B 15 -30.64 -23.07 -32.88
CA PRO B 15 -29.39 -23.78 -32.60
C PRO B 15 -28.61 -23.19 -31.41
N VAL B 16 -27.81 -24.00 -30.75
CA VAL B 16 -27.03 -23.49 -29.63
C VAL B 16 -25.97 -22.59 -30.23
N ARG B 17 -25.60 -21.52 -29.51
CA ARG B 17 -24.60 -20.57 -29.99
C ARG B 17 -23.36 -20.47 -29.10
N ASP B 18 -22.19 -20.71 -29.69
CA ASP B 18 -20.94 -20.61 -28.97
C ASP B 18 -20.67 -19.13 -28.71
N TRP B 19 -20.32 -18.79 -27.47
CA TRP B 19 -20.03 -17.40 -27.14
C TRP B 19 -18.71 -17.31 -26.41
N PRO B 20 -17.62 -17.09 -27.16
CA PRO B 20 -16.26 -16.98 -26.63
C PRO B 20 -16.06 -15.77 -25.72
N ALA B 21 -14.83 -15.61 -25.24
CA ALA B 21 -14.48 -14.50 -24.37
C ALA B 21 -13.94 -13.37 -25.23
N LEU B 22 -14.25 -12.13 -24.86
CA LEU B 22 -13.82 -10.96 -25.62
C LEU B 22 -12.33 -10.68 -25.52
N ASP B 23 -11.77 -10.23 -26.64
CA ASP B 23 -10.35 -9.87 -26.72
C ASP B 23 -10.25 -8.57 -27.51
N LEU B 24 -11.00 -7.57 -27.05
CA LEU B 24 -10.99 -6.26 -27.70
C LEU B 24 -10.39 -5.22 -26.76
N ASP B 25 -9.39 -4.49 -27.25
CA ASP B 25 -8.73 -3.45 -26.45
C ASP B 25 -9.49 -2.14 -26.49
N GLY B 26 -10.72 -2.15 -25.98
CA GLY B 26 -11.52 -0.94 -25.97
C GLY B 26 -12.90 -1.10 -25.33
N PRO B 27 -13.75 -0.06 -25.45
CA PRO B 27 -15.11 0.00 -24.92
C PRO B 27 -16.14 -0.53 -25.90
N GLU B 28 -15.69 -0.93 -27.07
CA GLU B 28 -16.58 -1.46 -28.10
C GLU B 28 -17.54 -2.53 -27.61
N PHE B 29 -18.76 -2.48 -28.11
CA PHE B 29 -19.81 -3.45 -27.78
C PHE B 29 -19.42 -4.82 -28.35
N ASP B 30 -19.70 -5.88 -27.61
CA ASP B 30 -19.40 -7.26 -28.03
C ASP B 30 -20.02 -7.61 -29.39
N PRO B 31 -19.16 -7.88 -30.39
CA PRO B 31 -19.59 -8.24 -31.76
C PRO B 31 -20.46 -9.52 -31.83
N VAL B 32 -20.19 -10.47 -30.93
CA VAL B 32 -20.93 -11.72 -30.88
C VAL B 32 -22.29 -11.54 -30.19
N LEU B 33 -22.37 -10.56 -29.30
CA LEU B 33 -23.60 -10.26 -28.59
C LEU B 33 -24.49 -9.46 -29.54
N ALA B 34 -23.86 -8.68 -30.41
CA ALA B 34 -24.61 -7.88 -31.38
C ALA B 34 -25.39 -8.86 -32.26
N GLU B 35 -24.75 -9.98 -32.59
CA GLU B 35 -25.36 -11.03 -33.41
C GLU B 35 -26.67 -11.53 -32.80
N LEU B 36 -26.53 -12.22 -31.67
CA LEU B 36 -27.67 -12.80 -30.96
C LEU B 36 -28.84 -11.85 -30.80
N MET B 37 -28.59 -10.56 -30.59
CA MET B 37 -29.67 -9.60 -30.44
C MET B 37 -30.47 -9.53 -31.74
N ARG B 38 -29.77 -9.75 -32.84
CA ARG B 38 -30.39 -9.71 -34.17
C ARG B 38 -31.02 -11.05 -34.53
N GLU B 39 -30.59 -12.11 -33.86
CA GLU B 39 -31.13 -13.44 -34.15
C GLU B 39 -32.59 -13.57 -33.71
N GLY B 40 -32.94 -12.99 -32.57
CA GLY B 40 -34.30 -13.06 -32.09
C GLY B 40 -34.37 -12.65 -30.63
N PRO B 41 -35.56 -12.41 -30.06
CA PRO B 41 -35.72 -12.01 -28.67
C PRO B 41 -35.28 -13.02 -27.60
N LEU B 42 -35.02 -14.26 -28.04
CA LEU B 42 -34.56 -15.33 -27.14
C LEU B 42 -33.64 -16.28 -27.90
N THR B 43 -32.47 -16.58 -27.33
CA THR B 43 -31.51 -17.46 -27.98
C THR B 43 -30.87 -18.41 -26.99
N ARG B 44 -30.23 -19.45 -27.51
CA ARG B 44 -29.57 -20.42 -26.65
C ARG B 44 -28.08 -20.23 -26.83
N VAL B 45 -27.35 -20.11 -25.71
CA VAL B 45 -25.92 -19.90 -25.78
C VAL B 45 -25.08 -20.89 -24.98
N ARG B 46 -23.83 -21.08 -25.42
CA ARG B 46 -22.88 -21.96 -24.76
C ARG B 46 -21.67 -21.12 -24.34
N LEU B 47 -21.53 -20.91 -23.04
CA LEU B 47 -20.43 -20.11 -22.53
C LEU B 47 -19.15 -20.92 -22.41
N PRO B 48 -18.01 -20.24 -22.20
CA PRO B 48 -16.72 -20.94 -22.08
C PRO B 48 -16.64 -22.14 -21.12
N HIS B 49 -17.40 -22.11 -20.03
CA HIS B 49 -17.35 -23.19 -19.05
C HIS B 49 -18.72 -23.69 -18.54
N GLY B 50 -18.70 -24.66 -17.64
CA GLY B 50 -19.94 -25.23 -17.15
C GLY B 50 -20.36 -26.28 -18.16
N GLU B 51 -21.59 -26.78 -18.05
CA GLU B 51 -22.09 -27.81 -18.96
C GLU B 51 -23.42 -27.41 -19.54
N GLY B 52 -23.66 -27.79 -20.78
CA GLY B 52 -24.93 -27.47 -21.41
C GLY B 52 -25.00 -26.07 -21.95
N TRP B 53 -26.21 -25.68 -22.36
CA TRP B 53 -26.44 -24.37 -22.91
C TRP B 53 -27.41 -23.64 -21.97
N ALA B 54 -27.77 -22.41 -22.33
CA ALA B 54 -28.70 -21.63 -21.55
C ALA B 54 -29.46 -20.65 -22.44
N TRP B 55 -30.63 -20.22 -21.96
CA TRP B 55 -31.42 -19.24 -22.70
C TRP B 55 -30.86 -17.86 -22.44
N LEU B 56 -31.12 -16.95 -23.36
CA LEU B 56 -30.65 -15.58 -23.25
C LEU B 56 -31.67 -14.58 -23.76
N ALA B 57 -32.24 -13.79 -22.84
CA ALA B 57 -33.20 -12.77 -23.23
C ALA B 57 -32.35 -11.58 -23.68
N THR B 58 -32.72 -10.97 -24.81
CA THR B 58 -31.96 -9.86 -25.34
C THR B 58 -32.75 -8.55 -25.36
N ARG B 59 -34.08 -8.66 -25.43
CA ARG B 59 -34.95 -7.50 -25.47
C ARG B 59 -35.21 -6.83 -24.13
N TYR B 60 -35.35 -5.51 -24.15
CA TYR B 60 -35.58 -4.72 -22.94
C TYR B 60 -36.75 -5.24 -22.11
N ASP B 61 -37.95 -5.26 -22.69
CA ASP B 61 -39.15 -5.73 -21.99
C ASP B 61 -38.96 -7.12 -21.40
N ASP B 62 -38.47 -8.04 -22.23
CA ASP B 62 -38.22 -9.41 -21.83
C ASP B 62 -37.25 -9.43 -20.63
N VAL B 63 -36.15 -8.69 -20.76
CA VAL B 63 -35.15 -8.61 -19.70
C VAL B 63 -35.75 -8.06 -18.41
N LYS B 64 -36.42 -6.92 -18.50
CA LYS B 64 -37.03 -6.29 -17.33
C LYS B 64 -38.08 -7.19 -16.67
N ALA B 65 -38.72 -8.05 -17.48
CA ALA B 65 -39.74 -8.96 -16.98
C ALA B 65 -39.14 -10.13 -16.18
N ILE B 66 -38.37 -10.96 -16.86
CA ILE B 66 -37.74 -12.12 -16.24
C ILE B 66 -37.12 -11.76 -14.89
N THR B 67 -36.30 -10.71 -14.92
CA THR B 67 -35.61 -10.21 -13.75
C THR B 67 -36.54 -9.85 -12.58
N ASN B 68 -37.82 -9.68 -12.83
CA ASN B 68 -38.73 -9.34 -11.75
C ASN B 68 -39.93 -10.28 -11.62
N ASP B 69 -39.85 -11.45 -12.23
CA ASP B 69 -40.93 -12.43 -12.12
C ASP B 69 -40.57 -13.57 -11.16
N PRO B 70 -41.30 -13.66 -10.03
CA PRO B 70 -41.07 -14.70 -9.01
C PRO B 70 -41.00 -16.12 -9.57
N ARG B 71 -41.42 -16.30 -10.82
CA ARG B 71 -41.36 -17.62 -11.44
C ARG B 71 -39.93 -18.11 -11.66
N PHE B 72 -38.96 -17.18 -11.69
CA PHE B 72 -37.56 -17.55 -11.88
C PHE B 72 -36.79 -17.38 -10.57
N GLY B 73 -35.98 -18.38 -10.23
CA GLY B 73 -35.22 -18.31 -8.99
C GLY B 73 -33.73 -18.26 -9.22
N ARG B 74 -33.00 -17.80 -8.20
CA ARG B 74 -31.55 -17.69 -8.27
C ARG B 74 -30.92 -18.78 -7.40
N ALA B 75 -31.66 -19.16 -6.36
CA ALA B 75 -31.21 -20.17 -5.41
C ALA B 75 -30.87 -21.51 -6.05
N GLU B 76 -31.62 -21.87 -7.08
CA GLU B 76 -31.41 -23.15 -7.76
C GLU B 76 -30.15 -23.27 -8.60
N VAL B 77 -29.55 -22.14 -8.98
CA VAL B 77 -28.34 -22.17 -9.80
C VAL B 77 -27.17 -22.68 -8.97
N THR B 78 -27.18 -22.36 -7.68
CA THR B 78 -26.11 -22.79 -6.78
C THR B 78 -26.03 -24.30 -6.81
N GLN B 79 -27.20 -24.93 -6.91
CA GLN B 79 -27.32 -26.37 -6.91
C GLN B 79 -27.05 -27.01 -8.26
N ARG B 80 -26.46 -26.28 -9.20
CA ARG B 80 -26.23 -26.86 -10.51
C ARG B 80 -24.92 -26.50 -11.19
N GLN B 81 -24.88 -26.70 -12.50
CA GLN B 81 -23.70 -26.41 -13.29
C GLN B 81 -24.01 -25.73 -14.62
N ILE B 82 -24.97 -24.81 -14.61
CA ILE B 82 -25.34 -24.09 -15.82
C ILE B 82 -24.11 -23.55 -16.54
N THR B 83 -24.17 -23.44 -17.86
CA THR B 83 -23.03 -22.93 -18.60
C THR B 83 -22.76 -21.51 -18.09
N ARG B 84 -21.48 -21.18 -17.89
CA ARG B 84 -21.10 -19.88 -17.37
C ARG B 84 -19.86 -19.33 -18.03
N LEU B 85 -19.47 -18.13 -17.59
CA LEU B 85 -18.28 -17.48 -18.11
C LEU B 85 -17.07 -17.84 -17.27
N ALA B 86 -17.27 -17.95 -15.97
CA ALA B 86 -16.18 -18.27 -15.05
C ALA B 86 -15.83 -19.74 -15.01
N PRO B 87 -14.52 -20.05 -14.98
CA PRO B 87 -14.11 -21.45 -14.94
C PRO B 87 -14.67 -22.15 -13.70
N HIS B 88 -14.59 -21.48 -12.54
CA HIS B 88 -15.09 -22.05 -11.30
C HIS B 88 -16.39 -21.43 -10.78
N PHE B 89 -17.19 -22.21 -10.06
CA PHE B 89 -18.44 -21.75 -9.50
C PHE B 89 -18.67 -22.35 -8.13
N LYS B 90 -18.32 -21.59 -7.10
CA LYS B 90 -18.47 -22.02 -5.72
C LYS B 90 -19.19 -20.96 -4.88
N PRO B 91 -20.54 -20.94 -4.95
CA PRO B 91 -21.40 -19.99 -4.22
C PRO B 91 -21.36 -20.12 -2.71
N ARG B 92 -21.08 -19.02 -2.04
CA ARG B 92 -21.00 -18.98 -0.60
C ARG B 92 -22.36 -18.71 0.04
N PRO B 93 -22.56 -19.22 1.26
CA PRO B 93 -23.83 -18.98 1.95
C PRO B 93 -23.93 -17.51 2.32
N GLY B 94 -25.13 -16.95 2.19
CA GLY B 94 -25.34 -15.55 2.53
C GLY B 94 -25.22 -14.53 1.41
N SER B 95 -24.78 -14.96 0.22
CA SER B 95 -24.63 -14.02 -0.89
C SER B 95 -25.98 -13.53 -1.37
N LEU B 96 -26.18 -12.22 -1.36
CA LEU B 96 -27.43 -11.64 -1.82
C LEU B 96 -27.73 -12.08 -3.25
N ALA B 97 -26.69 -12.26 -4.06
CA ALA B 97 -26.87 -12.65 -5.45
C ALA B 97 -27.70 -13.94 -5.61
N PHE B 98 -27.48 -14.90 -4.72
CA PHE B 98 -28.22 -16.16 -4.83
C PHE B 98 -29.28 -16.39 -3.74
N ALA B 99 -29.75 -15.34 -3.09
CA ALA B 99 -30.77 -15.46 -2.06
C ALA B 99 -32.16 -15.07 -2.54
N ASP B 100 -33.13 -15.92 -2.26
CA ASP B 100 -34.50 -15.65 -2.67
C ASP B 100 -35.34 -15.23 -1.45
N GLN B 101 -36.52 -14.70 -1.70
CA GLN B 101 -37.40 -14.29 -0.62
C GLN B 101 -37.89 -15.54 0.11
N PRO B 102 -38.03 -15.44 1.44
CA PRO B 102 -37.76 -14.25 2.25
C PRO B 102 -36.30 -14.08 2.69
N ASP B 103 -35.41 -14.94 2.20
CA ASP B 103 -33.99 -14.86 2.54
C ASP B 103 -33.32 -13.60 2.00
N HIS B 104 -33.47 -13.36 0.70
CA HIS B 104 -32.88 -12.20 0.08
C HIS B 104 -33.24 -10.95 0.86
N ASN B 105 -34.47 -10.91 1.36
CA ASN B 105 -34.95 -9.77 2.14
C ASN B 105 -34.33 -9.75 3.54
N ARG B 106 -34.18 -10.93 4.15
CA ARG B 106 -33.61 -11.01 5.49
C ARG B 106 -32.17 -10.52 5.50
N LEU B 107 -31.33 -11.18 4.71
CA LEU B 107 -29.91 -10.82 4.62
C LEU B 107 -29.71 -9.33 4.36
N ARG B 108 -30.52 -8.78 3.47
CA ARG B 108 -30.44 -7.37 3.10
C ARG B 108 -30.57 -6.39 4.27
N ARG B 109 -31.40 -6.73 5.25
CA ARG B 109 -31.64 -5.89 6.42
C ARG B 109 -30.41 -5.76 7.32
N ALA B 110 -29.48 -6.69 7.22
CA ALA B 110 -28.29 -6.62 8.06
C ALA B 110 -27.17 -5.74 7.48
N VAL B 111 -27.44 -5.08 6.36
CA VAL B 111 -26.42 -4.24 5.72
C VAL B 111 -26.92 -3.03 4.92
N ALA B 112 -28.11 -3.13 4.33
CA ALA B 112 -28.68 -2.05 3.51
C ALA B 112 -28.72 -0.68 4.18
N GLY B 113 -28.73 -0.67 5.50
CA GLY B 113 -28.78 0.57 6.23
C GLY B 113 -27.72 1.57 5.83
N ALA B 114 -26.47 1.11 5.68
CA ALA B 114 -25.36 1.98 5.33
C ALA B 114 -25.20 2.29 3.84
N PHE B 115 -26.13 1.81 3.02
CA PHE B 115 -26.11 2.02 1.58
C PHE B 115 -27.25 2.86 1.05
N THR B 116 -27.93 3.58 1.95
CA THR B 116 -29.08 4.41 1.57
C THR B 116 -28.70 5.78 1.04
N VAL B 117 -29.68 6.44 0.42
CA VAL B 117 -29.45 7.77 -0.09
C VAL B 117 -28.91 8.61 1.04
N GLY B 118 -29.64 8.63 2.15
CA GLY B 118 -29.23 9.41 3.31
C GLY B 118 -27.87 9.06 3.87
N ALA B 119 -27.52 7.77 3.86
CA ALA B 119 -26.21 7.37 4.37
C ALA B 119 -25.14 7.74 3.36
N THR B 120 -25.51 7.78 2.08
CA THR B 120 -24.53 8.14 1.06
C THR B 120 -24.31 9.64 1.10
N LYS B 121 -25.38 10.40 1.36
CA LYS B 121 -25.28 11.86 1.42
C LYS B 121 -24.48 12.24 2.66
N ARG B 122 -24.62 11.43 3.71
CA ARG B 122 -23.92 11.69 4.96
C ARG B 122 -22.44 11.35 4.76
N LEU B 123 -22.17 10.38 3.89
CA LEU B 123 -20.81 9.95 3.62
C LEU B 123 -20.00 10.85 2.68
N ARG B 124 -20.71 11.47 1.73
CA ARG B 124 -20.11 12.35 0.72
C ARG B 124 -19.00 13.29 1.16
N PRO B 125 -19.18 14.01 2.27
CA PRO B 125 -18.10 14.92 2.69
C PRO B 125 -16.76 14.22 2.97
N ARG B 126 -16.84 13.10 3.67
CA ARG B 126 -15.65 12.36 4.00
C ARG B 126 -14.99 11.84 2.73
N ALA B 127 -15.81 11.35 1.81
CA ALA B 127 -15.33 10.79 0.54
C ALA B 127 -14.57 11.84 -0.27
N GLN B 128 -15.12 13.06 -0.33
CA GLN B 128 -14.52 14.15 -1.06
C GLN B 128 -13.11 14.42 -0.48
N GLU B 129 -12.98 14.29 0.83
CA GLU B 129 -11.68 14.53 1.46
C GLU B 129 -10.64 13.50 1.03
N ILE B 130 -11.05 12.24 1.02
CA ILE B 130 -10.17 11.14 0.60
C ILE B 130 -9.74 11.32 -0.86
N LEU B 131 -10.72 11.60 -1.72
CA LEU B 131 -10.42 11.83 -3.12
C LEU B 131 -9.43 12.99 -3.24
N ASP B 132 -9.74 14.13 -2.60
CA ASP B 132 -8.85 15.29 -2.64
C ASP B 132 -7.40 14.98 -2.20
N GLY B 133 -7.27 14.05 -1.25
CA GLY B 133 -5.96 13.66 -0.77
C GLY B 133 -5.20 12.92 -1.85
N LEU B 134 -5.88 11.99 -2.53
CA LEU B 134 -5.24 11.27 -3.61
C LEU B 134 -4.86 12.26 -4.72
N VAL B 135 -5.73 13.25 -4.97
CA VAL B 135 -5.47 14.25 -6.02
C VAL B 135 -4.27 15.14 -5.64
N ASP B 136 -4.19 15.53 -4.37
CA ASP B 136 -3.06 16.34 -3.91
C ASP B 136 -1.79 15.59 -4.21
N GLY B 137 -1.85 14.27 -3.99
CA GLY B 137 -0.69 13.45 -4.23
C GLY B 137 -0.20 13.54 -5.65
N ILE B 138 -1.05 13.21 -6.62
CA ILE B 138 -0.60 13.26 -7.99
C ILE B 138 -0.24 14.68 -8.40
N LEU B 139 -0.88 15.67 -7.80
CA LEU B 139 -0.57 17.04 -8.14
C LEU B 139 0.82 17.45 -7.65
N ALA B 140 1.19 17.03 -6.43
CA ALA B 140 2.51 17.38 -5.88
C ALA B 140 3.62 16.71 -6.70
N GLU B 141 3.42 15.45 -7.06
CA GLU B 141 4.41 14.74 -7.84
C GLU B 141 4.63 15.27 -9.26
N GLY B 142 3.55 15.66 -9.94
CA GLY B 142 3.70 16.17 -11.30
C GLY B 142 3.10 15.29 -12.39
N PRO B 143 2.60 15.89 -13.48
CA PRO B 143 1.94 15.48 -14.73
C PRO B 143 1.85 14.04 -15.23
N PRO B 144 2.94 13.26 -15.13
CA PRO B 144 2.61 11.93 -15.67
C PRO B 144 2.10 11.02 -14.54
N ALA B 145 0.84 10.61 -14.62
CA ALA B 145 0.25 9.74 -13.61
C ALA B 145 -0.76 8.75 -14.17
N ASP B 146 -0.70 7.52 -13.67
CA ASP B 146 -1.63 6.48 -14.08
C ASP B 146 -2.86 6.65 -13.19
N LEU B 147 -3.92 7.26 -13.73
CA LEU B 147 -5.14 7.50 -12.98
C LEU B 147 -5.74 6.26 -12.35
N VAL B 148 -5.74 5.13 -13.08
CA VAL B 148 -6.28 3.89 -12.51
C VAL B 148 -5.56 3.56 -11.18
N GLU B 149 -4.25 3.38 -11.24
CA GLU B 149 -3.51 3.04 -10.02
C GLU B 149 -3.59 4.10 -8.89
N ARG B 150 -3.54 5.39 -9.23
CA ARG B 150 -3.53 6.47 -8.24
C ARG B 150 -4.85 7.09 -7.78
N VAL B 151 -5.94 6.82 -8.47
CA VAL B 151 -7.21 7.40 -8.07
C VAL B 151 -8.39 6.44 -8.18
N LEU B 152 -8.60 5.86 -9.35
CA LEU B 152 -9.75 4.98 -9.55
C LEU B 152 -9.77 3.70 -8.72
N GLU B 153 -8.60 3.15 -8.46
CA GLU B 153 -8.49 1.94 -7.69
C GLU B 153 -8.60 2.19 -6.19
N PRO B 154 -7.69 3.01 -5.63
CA PRO B 154 -7.72 3.29 -4.20
C PRO B 154 -8.88 4.11 -3.63
N PHE B 155 -9.41 5.05 -4.42
CA PHE B 155 -10.50 5.86 -3.92
C PHE B 155 -11.69 5.00 -3.51
N PRO B 156 -12.17 4.12 -4.40
CA PRO B 156 -13.32 3.27 -4.04
C PRO B 156 -13.04 2.34 -2.86
N ILE B 157 -11.80 1.88 -2.77
CA ILE B 157 -11.44 0.99 -1.67
C ILE B 157 -11.64 1.72 -0.34
N ALA B 158 -11.07 2.93 -0.26
CA ALA B 158 -11.13 3.76 0.94
C ALA B 158 -12.55 4.17 1.37
N VAL B 159 -13.36 4.68 0.45
CA VAL B 159 -14.72 5.09 0.79
C VAL B 159 -15.52 3.89 1.27
N VAL B 160 -15.42 2.76 0.57
CA VAL B 160 -16.16 1.55 0.96
C VAL B 160 -15.72 1.00 2.32
N SER B 161 -14.44 1.14 2.65
CA SER B 161 -13.93 0.66 3.95
C SER B 161 -14.53 1.55 5.04
N GLU B 162 -15.01 2.73 4.66
CA GLU B 162 -15.65 3.62 5.61
C GLU B 162 -17.05 3.06 5.83
N VAL B 163 -17.76 2.80 4.73
CA VAL B 163 -19.11 2.26 4.81
C VAL B 163 -19.13 0.92 5.53
N MET B 164 -18.20 0.04 5.21
CA MET B 164 -18.18 -1.27 5.84
C MET B 164 -17.88 -1.21 7.33
N GLY B 165 -17.05 -0.25 7.74
CA GLY B 165 -16.73 -0.12 9.14
C GLY B 165 -15.37 -0.68 9.49
N VAL B 166 -14.47 -0.71 8.51
CA VAL B 166 -13.14 -1.21 8.76
C VAL B 166 -12.45 -0.33 9.80
N PRO B 167 -11.98 -0.94 10.91
CA PRO B 167 -11.29 -0.23 11.99
C PRO B 167 -9.99 0.38 11.50
N ALA B 168 -9.51 1.40 12.19
CA ALA B 168 -8.29 2.11 11.80
C ALA B 168 -7.03 1.26 11.74
N ALA B 169 -6.78 0.51 12.80
CA ALA B 169 -5.59 -0.32 12.85
C ALA B 169 -5.55 -1.31 11.68
N ASP B 170 -6.66 -1.44 10.97
CA ASP B 170 -6.73 -2.39 9.88
C ASP B 170 -7.09 -1.80 8.54
N ARG B 171 -6.81 -0.51 8.37
CA ARG B 171 -7.11 0.18 7.12
C ARG B 171 -6.17 -0.28 6.03
N GLU B 172 -4.89 -0.36 6.39
CA GLU B 172 -3.83 -0.75 5.47
C GLU B 172 -3.98 -2.21 5.02
N ARG B 173 -4.22 -3.10 5.98
CA ARG B 173 -4.38 -4.51 5.66
C ARG B 173 -5.56 -4.83 4.75
N VAL B 174 -6.75 -4.35 5.11
CA VAL B 174 -7.95 -4.61 4.31
C VAL B 174 -7.83 -3.93 2.94
N HIS B 175 -7.13 -2.79 2.91
CA HIS B 175 -6.89 -2.04 1.69
C HIS B 175 -6.00 -2.90 0.80
N SER B 176 -4.90 -3.38 1.36
CA SER B 176 -3.92 -4.23 0.66
C SER B 176 -4.56 -5.54 0.19
N TRP B 177 -5.37 -6.15 1.04
CA TRP B 177 -6.06 -7.40 0.69
C TRP B 177 -6.97 -7.14 -0.49
N THR B 178 -7.94 -6.25 -0.29
CA THR B 178 -8.89 -5.88 -1.32
C THR B 178 -8.15 -5.50 -2.60
N ARG B 179 -6.96 -4.93 -2.45
CA ARG B 179 -6.15 -4.57 -3.61
C ARG B 179 -5.68 -5.85 -4.29
N GLN B 180 -6.56 -6.84 -4.30
CA GLN B 180 -6.32 -8.12 -4.93
C GLN B 180 -7.20 -8.04 -6.16
N ILE B 181 -7.53 -6.80 -6.52
CA ILE B 181 -8.35 -6.50 -7.69
C ILE B 181 -7.58 -7.02 -8.89
N ILE B 182 -6.28 -7.25 -8.68
CA ILE B 182 -5.39 -7.78 -9.70
C ILE B 182 -5.15 -6.81 -10.86
N SER B 183 -3.97 -6.87 -11.44
CA SER B 183 -3.62 -6.03 -12.57
C SER B 183 -4.39 -6.55 -13.79
N THR B 184 -4.91 -7.76 -13.63
CA THR B 184 -5.69 -8.47 -14.65
C THR B 184 -5.84 -9.89 -14.11
N SER B 185 -4.68 -10.53 -13.89
CA SER B 185 -4.62 -11.90 -13.38
C SER B 185 -3.22 -12.17 -12.79
N GLY B 186 -2.63 -11.15 -12.17
CA GLY B 186 -1.31 -11.28 -11.58
C GLY B 186 -1.18 -12.28 -10.45
N GLY B 187 -1.94 -13.37 -10.53
CA GLY B 187 -1.87 -14.38 -9.49
C GLY B 187 -3.16 -15.15 -9.31
N ALA B 188 -3.08 -16.47 -9.43
CA ALA B 188 -4.24 -17.32 -9.26
C ALA B 188 -4.49 -17.49 -7.78
N GLU B 189 -3.51 -18.05 -7.07
CA GLU B 189 -3.60 -18.24 -5.63
C GLU B 189 -3.18 -16.92 -4.97
N ALA B 190 -2.46 -16.09 -5.72
CA ALA B 190 -2.00 -14.79 -5.24
C ALA B 190 -3.21 -13.90 -4.93
N ALA B 191 -4.37 -14.28 -5.46
CA ALA B 191 -5.62 -13.56 -5.24
C ALA B 191 -6.43 -14.36 -4.22
N GLU B 192 -6.24 -15.67 -4.20
CA GLU B 192 -6.91 -16.56 -3.25
C GLU B 192 -6.28 -16.28 -1.88
N ARG B 193 -5.01 -15.90 -1.92
CA ARG B 193 -4.24 -15.57 -0.72
C ARG B 193 -4.88 -14.38 -0.04
N ALA B 194 -5.10 -13.33 -0.82
CA ALA B 194 -5.70 -12.11 -0.31
C ALA B 194 -7.09 -12.39 0.20
N LYS B 195 -7.87 -13.16 -0.55
CA LYS B 195 -9.23 -13.47 -0.12
C LYS B 195 -9.16 -14.29 1.16
N ARG B 196 -8.22 -15.22 1.19
CA ARG B 196 -8.01 -16.08 2.35
C ARG B 196 -7.96 -15.25 3.62
N GLY B 197 -7.03 -14.30 3.64
CA GLY B 197 -6.87 -13.42 4.79
C GLY B 197 -8.09 -12.56 5.03
N LEU B 198 -8.43 -11.71 4.07
CA LEU B 198 -9.59 -10.84 4.17
C LEU B 198 -10.78 -11.57 4.76
N TYR B 199 -11.08 -12.75 4.22
CA TYR B 199 -12.22 -13.51 4.71
C TYR B 199 -12.06 -14.06 6.12
N GLY B 200 -10.81 -14.32 6.51
CA GLY B 200 -10.57 -14.78 7.86
C GLY B 200 -10.83 -13.54 8.71
N TRP B 201 -10.28 -12.41 8.28
CA TRP B 201 -10.46 -11.17 8.99
C TRP B 201 -11.94 -10.84 9.20
N ILE B 202 -12.73 -10.91 8.12
CA ILE B 202 -14.15 -10.59 8.20
C ILE B 202 -14.93 -11.48 9.16
N THR B 203 -14.75 -12.79 9.05
CA THR B 203 -15.45 -13.71 9.94
C THR B 203 -15.16 -13.34 11.40
N GLU B 204 -13.90 -13.03 11.69
CA GLU B 204 -13.49 -12.62 13.03
C GLU B 204 -14.24 -11.34 13.43
N THR B 205 -13.98 -10.27 12.68
CA THR B 205 -14.60 -8.98 12.94
C THR B 205 -16.10 -9.09 13.15
N VAL B 206 -16.76 -10.03 12.48
CA VAL B 206 -18.20 -10.16 12.68
C VAL B 206 -18.45 -10.83 14.02
N ARG B 207 -17.57 -11.76 14.40
CA ARG B 207 -17.72 -12.45 15.68
C ARG B 207 -17.63 -11.37 16.75
N ALA B 208 -16.61 -10.51 16.63
CA ALA B 208 -16.47 -9.40 17.55
C ALA B 208 -17.63 -8.52 17.11
N ARG B 209 -18.10 -7.62 17.95
CA ARG B 209 -19.24 -6.78 17.57
C ARG B 209 -20.49 -7.63 17.69
N ALA B 210 -20.39 -8.67 18.51
CA ALA B 210 -21.50 -9.58 18.72
C ALA B 210 -22.85 -8.85 18.80
N GLY B 211 -22.88 -7.75 19.56
CA GLY B 211 -24.12 -6.98 19.69
C GLY B 211 -23.91 -5.48 19.84
N SER B 212 -23.06 -4.92 18.98
CA SER B 212 -22.76 -3.48 19.02
C SER B 212 -23.79 -2.64 18.25
N GLU B 213 -24.01 -1.43 18.75
CA GLU B 213 -24.95 -0.52 18.11
C GLU B 213 -24.19 0.41 17.18
N GLY B 214 -23.84 -0.10 16.00
CA GLY B 214 -23.11 0.70 15.03
C GLY B 214 -23.86 0.73 13.72
N GLY B 215 -23.81 1.86 13.03
CA GLY B 215 -24.49 1.99 11.76
C GLY B 215 -23.71 1.37 10.62
N ASP B 216 -22.41 1.20 10.82
CA ASP B 216 -21.55 0.62 9.80
C ASP B 216 -21.93 -0.85 9.60
N VAL B 217 -21.60 -1.39 8.43
CA VAL B 217 -21.91 -2.78 8.11
C VAL B 217 -21.31 -3.82 9.08
N TYR B 218 -20.00 -3.77 9.31
CA TYR B 218 -19.36 -4.74 10.20
C TYR B 218 -19.87 -4.79 11.62
N SER B 219 -20.74 -3.86 11.97
CA SER B 219 -21.32 -3.87 13.30
C SER B 219 -22.71 -4.44 13.13
N MET B 220 -23.51 -3.80 12.29
CA MET B 220 -24.86 -4.29 12.04
C MET B 220 -24.83 -5.79 11.82
N LEU B 221 -24.00 -6.21 10.86
CA LEU B 221 -23.86 -7.63 10.55
C LEU B 221 -23.44 -8.38 11.81
N GLY B 222 -22.51 -7.82 12.56
CA GLY B 222 -22.08 -8.48 13.78
C GLY B 222 -23.30 -8.73 14.65
N ALA B 223 -23.91 -7.63 15.09
CA ALA B 223 -25.09 -7.69 15.95
C ALA B 223 -26.10 -8.71 15.45
N ALA B 224 -26.50 -8.59 14.19
CA ALA B 224 -27.47 -9.52 13.60
C ALA B 224 -27.03 -10.97 13.78
N VAL B 225 -25.73 -11.22 13.64
CA VAL B 225 -25.19 -12.57 13.80
C VAL B 225 -25.40 -13.06 15.23
N GLY B 226 -24.74 -12.38 16.18
CA GLY B 226 -24.86 -12.74 17.57
C GLY B 226 -26.30 -12.72 18.07
N ARG B 227 -27.24 -12.38 17.18
CA ARG B 227 -28.67 -12.33 17.52
C ARG B 227 -29.48 -13.29 16.64
N GLY B 228 -28.77 -14.18 15.94
CA GLY B 228 -29.43 -15.16 15.09
C GLY B 228 -30.27 -14.59 13.96
N GLU B 229 -30.08 -13.30 13.65
CA GLU B 229 -30.82 -12.66 12.56
C GLU B 229 -30.18 -13.21 11.28
N VAL B 230 -28.87 -13.36 11.35
CA VAL B 230 -28.06 -13.90 10.28
C VAL B 230 -26.82 -14.48 10.96
N GLY B 231 -26.95 -15.69 11.47
CA GLY B 231 -25.85 -16.33 12.16
C GLY B 231 -24.69 -16.51 11.20
N GLU B 232 -23.51 -16.80 11.75
CA GLU B 232 -22.30 -17.00 10.96
C GLU B 232 -22.62 -17.88 9.75
N THR B 233 -21.61 -18.18 8.93
CA THR B 233 -21.82 -18.99 7.73
C THR B 233 -22.36 -18.09 6.62
N GLU B 234 -22.91 -16.95 7.03
CA GLU B 234 -23.47 -16.00 6.09
C GLU B 234 -22.68 -14.69 6.09
N ALA B 235 -21.69 -14.60 6.97
CA ALA B 235 -20.87 -13.38 7.06
C ALA B 235 -20.15 -13.07 5.76
N VAL B 236 -19.07 -13.81 5.50
CA VAL B 236 -18.28 -13.63 4.29
C VAL B 236 -19.17 -13.56 3.06
N GLY B 237 -20.11 -14.49 2.96
CA GLY B 237 -21.01 -14.53 1.82
C GLY B 237 -21.85 -13.27 1.65
N LEU B 238 -22.12 -12.58 2.76
CA LEU B 238 -22.93 -11.36 2.72
C LEU B 238 -22.04 -10.13 2.59
N ALA B 239 -20.95 -10.11 3.35
CA ALA B 239 -20.03 -8.99 3.36
C ALA B 239 -18.91 -9.00 2.31
N GLY B 240 -18.46 -10.19 1.92
CA GLY B 240 -17.39 -10.29 0.92
C GLY B 240 -17.59 -9.37 -0.28
N PRO B 241 -18.70 -9.56 -1.01
CA PRO B 241 -19.04 -8.75 -2.19
C PRO B 241 -19.04 -7.25 -1.89
N LEU B 242 -19.75 -6.83 -0.84
CA LEU B 242 -19.77 -5.42 -0.51
C LEU B 242 -18.37 -4.89 -0.24
N GLN B 243 -17.57 -5.62 0.55
CA GLN B 243 -16.22 -5.16 0.86
C GLN B 243 -15.38 -5.06 -0.40
N ILE B 244 -15.62 -5.95 -1.35
CA ILE B 244 -14.88 -5.97 -2.60
C ILE B 244 -15.57 -5.13 -3.71
N GLY B 245 -16.83 -4.77 -3.49
CA GLY B 245 -17.61 -4.02 -4.47
C GLY B 245 -17.02 -2.79 -5.14
N GLY B 246 -16.19 -2.02 -4.42
CA GLY B 246 -15.59 -0.83 -4.99
C GLY B 246 -14.96 -1.00 -6.37
N GLU B 247 -14.36 -2.15 -6.61
CA GLU B 247 -13.73 -2.46 -7.89
C GLU B 247 -14.64 -2.18 -9.08
N ALA B 248 -15.95 -2.31 -8.86
CA ALA B 248 -16.92 -2.06 -9.91
C ALA B 248 -16.95 -0.58 -10.32
N VAL B 249 -16.73 0.32 -9.36
CA VAL B 249 -16.68 1.75 -9.63
C VAL B 249 -15.37 2.06 -10.36
N THR B 250 -14.29 1.41 -9.96
CA THR B 250 -12.97 1.60 -10.59
C THR B 250 -12.97 1.36 -12.10
N HIS B 251 -13.57 0.25 -12.53
CA HIS B 251 -13.64 -0.10 -13.94
C HIS B 251 -14.62 0.74 -14.73
N ASN B 252 -15.84 0.83 -14.24
CA ASN B 252 -16.85 1.62 -14.92
C ASN B 252 -16.41 3.09 -15.11
N VAL B 253 -15.97 3.74 -14.03
CA VAL B 253 -15.52 5.13 -14.14
C VAL B 253 -14.27 5.13 -15.04
N GLY B 254 -13.52 4.03 -15.01
CA GLY B 254 -12.35 3.93 -15.86
C GLY B 254 -12.74 3.99 -17.33
N GLN B 255 -13.85 3.34 -17.65
CA GLN B 255 -14.35 3.35 -19.01
C GLN B 255 -14.86 4.72 -19.41
N MET B 256 -15.48 5.44 -18.46
CA MET B 256 -16.03 6.79 -18.71
C MET B 256 -14.94 7.82 -19.01
N LEU B 257 -13.85 7.75 -18.26
CA LEU B 257 -12.75 8.69 -18.47
C LEU B 257 -12.10 8.34 -19.81
N TYR B 258 -12.00 7.04 -20.13
CA TYR B 258 -11.41 6.62 -21.40
C TYR B 258 -12.19 7.24 -22.56
N LEU B 259 -13.51 7.09 -22.53
CA LEU B 259 -14.35 7.65 -23.58
C LEU B 259 -14.12 9.15 -23.65
N LEU B 260 -14.08 9.81 -22.50
CA LEU B 260 -13.86 11.24 -22.44
C LEU B 260 -12.50 11.62 -23.00
N LEU B 261 -11.51 10.80 -22.68
CA LEU B 261 -10.14 11.06 -23.10
C LEU B 261 -9.81 10.73 -24.55
N THR B 262 -10.65 9.94 -25.21
CA THR B 262 -10.39 9.58 -26.61
C THR B 262 -11.47 10.17 -27.54
N ARG B 263 -12.51 10.74 -26.95
CA ARG B 263 -13.57 11.35 -27.72
C ARG B 263 -13.74 12.79 -27.23
N ARG B 264 -12.75 13.62 -27.57
CA ARG B 264 -12.66 15.02 -27.18
C ARG B 264 -14.01 15.75 -27.10
N GLU B 265 -14.94 15.35 -27.96
CA GLU B 265 -16.27 15.93 -28.01
C GLU B 265 -17.02 15.71 -26.69
N LEU B 266 -16.96 14.48 -26.16
CA LEU B 266 -17.63 14.18 -24.90
C LEU B 266 -16.99 14.98 -23.75
N MET B 267 -15.65 14.99 -23.71
CA MET B 267 -14.94 15.73 -22.67
C MET B 267 -15.41 17.19 -22.68
N ALA B 268 -15.51 17.75 -23.89
CA ALA B 268 -15.96 19.12 -24.05
C ALA B 268 -17.30 19.27 -23.36
N ARG B 269 -18.28 18.51 -23.82
CA ARG B 269 -19.62 18.54 -23.25
C ARG B 269 -19.60 18.45 -21.71
N MET B 270 -18.84 17.51 -21.17
CA MET B 270 -18.78 17.33 -19.73
C MET B 270 -18.20 18.55 -19.01
N ARG B 271 -17.16 19.17 -19.58
CA ARG B 271 -16.58 20.35 -18.95
C ARG B 271 -17.51 21.57 -19.00
N GLU B 272 -18.29 21.67 -20.08
CA GLU B 272 -19.22 22.77 -20.28
C GLU B 272 -20.43 22.81 -19.34
N ARG B 273 -20.73 21.71 -18.64
CA ARG B 273 -21.92 21.67 -17.77
C ARG B 273 -21.71 21.33 -16.28
N PRO B 274 -20.79 22.04 -15.60
CA PRO B 274 -20.62 21.69 -14.19
C PRO B 274 -21.94 21.94 -13.48
N GLY B 275 -22.39 21.00 -12.65
CA GLY B 275 -23.65 21.15 -11.93
C GLY B 275 -24.83 20.55 -12.67
N ALA B 276 -24.56 20.06 -13.88
CA ALA B 276 -25.58 19.44 -14.73
C ALA B 276 -25.00 18.29 -15.54
N ARG B 277 -24.27 17.41 -14.86
CA ARG B 277 -23.64 16.27 -15.50
C ARG B 277 -24.48 15.00 -15.40
N GLY B 278 -25.57 15.07 -14.62
CA GLY B 278 -26.46 13.94 -14.44
C GLY B 278 -26.76 13.07 -15.66
N THR B 279 -27.44 13.64 -16.64
CA THR B 279 -27.81 12.94 -17.86
C THR B 279 -26.60 12.42 -18.59
N ALA B 280 -25.53 13.19 -18.60
CA ALA B 280 -24.33 12.74 -19.27
C ALA B 280 -23.84 11.47 -18.58
N LEU B 281 -23.76 11.49 -17.26
CA LEU B 281 -23.29 10.31 -16.53
C LEU B 281 -24.22 9.11 -16.69
N ASP B 282 -25.52 9.36 -16.85
CA ASP B 282 -26.46 8.26 -17.05
C ASP B 282 -26.34 7.75 -18.48
N GLU B 283 -26.04 8.63 -19.43
CA GLU B 283 -25.89 8.18 -20.81
C GLU B 283 -24.65 7.28 -20.89
N LEU B 284 -23.63 7.60 -20.11
CA LEU B 284 -22.43 6.79 -20.12
C LEU B 284 -22.71 5.42 -19.51
N LEU B 285 -23.52 5.37 -18.45
CA LEU B 285 -23.84 4.09 -17.81
C LEU B 285 -24.58 3.14 -18.75
N ARG B 286 -25.44 3.71 -19.60
CA ARG B 286 -26.27 2.97 -20.55
C ARG B 286 -25.45 2.38 -21.68
N TRP B 287 -24.59 3.21 -22.26
CA TRP B 287 -23.77 2.81 -23.39
C TRP B 287 -22.65 1.81 -23.08
N ILE B 288 -21.90 2.09 -22.02
CA ILE B 288 -20.79 1.24 -21.61
C ILE B 288 -21.10 -0.19 -21.29
N SER B 289 -20.29 -1.08 -21.85
CA SER B 289 -20.42 -2.49 -21.62
C SER B 289 -19.62 -2.80 -20.36
N HIS B 290 -20.30 -2.80 -19.21
CA HIS B 290 -19.67 -3.05 -17.92
C HIS B 290 -19.11 -4.46 -17.69
N ARG B 291 -19.82 -5.49 -18.16
CA ARG B 291 -19.42 -6.91 -18.02
C ARG B 291 -18.96 -7.38 -19.37
N THR B 292 -18.29 -8.52 -19.44
CA THR B 292 -17.85 -8.99 -20.76
C THR B 292 -18.94 -9.82 -21.47
N SER B 293 -19.69 -10.60 -20.71
CA SER B 293 -20.75 -11.44 -21.28
C SER B 293 -22.03 -11.32 -20.43
N VAL B 294 -22.53 -12.44 -19.92
CA VAL B 294 -23.70 -12.44 -19.05
C VAL B 294 -23.35 -13.31 -17.85
N GLY B 295 -23.93 -12.99 -16.68
CA GLY B 295 -23.66 -13.76 -15.47
C GLY B 295 -24.87 -13.89 -14.56
N LEU B 296 -24.77 -14.67 -13.49
CA LEU B 296 -25.88 -14.85 -12.57
C LEU B 296 -27.16 -15.22 -13.30
N ALA B 297 -27.25 -16.46 -13.75
CA ALA B 297 -28.43 -16.92 -14.46
C ALA B 297 -29.63 -17.05 -13.53
N ARG B 298 -30.75 -17.44 -14.09
CA ARG B 298 -31.96 -17.64 -13.32
C ARG B 298 -32.50 -18.98 -13.77
N ILE B 299 -33.19 -19.67 -12.86
CA ILE B 299 -33.75 -20.96 -13.20
C ILE B 299 -35.26 -20.84 -13.36
N ALA B 300 -35.77 -21.37 -14.46
CA ALA B 300 -37.21 -21.35 -14.72
C ALA B 300 -37.83 -22.41 -13.82
N LEU B 301 -38.41 -21.99 -12.70
CA LEU B 301 -39.01 -22.93 -11.75
C LEU B 301 -40.19 -23.71 -12.34
N GLU B 302 -41.24 -22.99 -12.73
CA GLU B 302 -42.43 -23.65 -13.29
C GLU B 302 -42.77 -23.26 -14.72
N ASP B 303 -42.31 -24.08 -15.66
CA ASP B 303 -42.53 -23.91 -17.11
C ASP B 303 -43.20 -22.60 -17.54
N VAL B 304 -42.52 -21.84 -18.40
CA VAL B 304 -43.05 -20.56 -18.87
C VAL B 304 -42.70 -20.27 -20.32
N GLU B 305 -43.47 -19.36 -20.93
CA GLU B 305 -43.25 -18.92 -22.31
C GLU B 305 -42.80 -17.45 -22.30
N VAL B 306 -41.67 -17.17 -22.94
CA VAL B 306 -41.12 -15.82 -23.00
C VAL B 306 -41.12 -15.26 -24.40
N HIS B 307 -41.81 -14.13 -24.57
CA HIS B 307 -41.91 -13.45 -25.85
C HIS B 307 -42.12 -14.43 -27.00
N GLY B 308 -43.01 -15.40 -26.79
CA GLY B 308 -43.29 -16.37 -27.83
C GLY B 308 -42.41 -17.59 -27.81
N THR B 309 -41.52 -17.69 -26.83
CA THR B 309 -40.64 -18.85 -26.73
C THR B 309 -41.05 -19.72 -25.55
N ARG B 310 -40.89 -21.02 -25.68
CA ARG B 310 -41.26 -21.95 -24.61
C ARG B 310 -40.03 -22.33 -23.80
N ILE B 311 -40.00 -21.89 -22.54
CA ILE B 311 -38.90 -22.19 -21.62
C ILE B 311 -39.34 -23.18 -20.55
N ALA B 312 -39.05 -24.46 -20.79
CA ALA B 312 -39.43 -25.52 -19.85
C ALA B 312 -38.84 -25.28 -18.47
N ALA B 313 -39.56 -25.72 -17.44
CA ALA B 313 -39.09 -25.56 -16.08
C ALA B 313 -37.75 -26.24 -15.91
N GLY B 314 -36.91 -25.69 -15.04
CA GLY B 314 -35.61 -26.26 -14.81
C GLY B 314 -34.53 -25.75 -15.76
N GLU B 315 -34.95 -25.14 -16.86
CA GLU B 315 -33.95 -24.63 -17.80
C GLU B 315 -33.47 -23.23 -17.35
N PRO B 316 -32.14 -23.00 -17.45
CA PRO B 316 -31.50 -21.73 -17.07
C PRO B 316 -31.69 -20.62 -18.11
N VAL B 317 -31.82 -19.39 -17.62
CA VAL B 317 -31.98 -18.25 -18.52
C VAL B 317 -31.16 -17.03 -18.10
N TYR B 318 -30.36 -16.51 -19.03
CA TYR B 318 -29.53 -15.34 -18.78
C TYR B 318 -30.20 -14.10 -19.39
N VAL B 319 -29.98 -12.95 -18.78
CA VAL B 319 -30.51 -11.70 -19.30
C VAL B 319 -29.28 -10.81 -19.53
N SER B 320 -29.32 -9.98 -20.56
CA SER B 320 -28.24 -9.07 -20.87
C SER B 320 -28.72 -7.64 -20.76
N TYR B 321 -28.36 -6.99 -19.66
CA TYR B 321 -28.72 -5.61 -19.43
C TYR B 321 -27.96 -4.73 -20.43
N LEU B 322 -26.77 -5.16 -20.83
CA LEU B 322 -26.00 -4.41 -21.81
C LEU B 322 -26.81 -4.38 -23.12
N ALA B 323 -27.26 -5.55 -23.55
CA ALA B 323 -28.05 -5.68 -24.77
C ALA B 323 -29.38 -4.93 -24.63
N ALA B 324 -30.01 -5.08 -23.47
CA ALA B 324 -31.26 -4.39 -23.21
C ALA B 324 -31.06 -2.88 -23.33
N ASN B 325 -29.96 -2.38 -22.78
CA ASN B 325 -29.67 -0.96 -22.81
C ASN B 325 -29.49 -0.39 -24.23
N ARG B 326 -29.40 -1.26 -25.23
CA ARG B 326 -29.26 -0.80 -26.60
C ARG B 326 -30.53 -1.15 -27.36
N ASP B 327 -31.65 -1.28 -26.65
CA ASP B 327 -32.90 -1.65 -27.29
C ASP B 327 -33.43 -0.56 -28.21
N PRO B 328 -33.40 -0.80 -29.53
CA PRO B 328 -33.89 0.18 -30.49
C PRO B 328 -35.25 0.75 -30.11
N ASP B 329 -36.20 -0.10 -29.74
CA ASP B 329 -37.53 0.38 -29.38
C ASP B 329 -37.62 1.10 -28.04
N VAL B 330 -36.48 1.31 -27.38
CA VAL B 330 -36.48 1.99 -26.08
C VAL B 330 -35.46 3.13 -26.08
N PHE B 331 -34.41 2.97 -26.87
CA PHE B 331 -33.37 3.97 -26.98
C PHE B 331 -33.05 4.19 -28.46
N PRO B 332 -33.74 5.17 -29.08
CA PRO B 332 -33.52 5.47 -30.50
C PRO B 332 -32.04 5.78 -30.73
N ASP B 333 -31.51 5.33 -31.88
CA ASP B 333 -30.09 5.50 -32.21
C ASP B 333 -29.37 5.10 -30.91
N PRO B 334 -29.61 3.84 -30.48
CA PRO B 334 -29.06 3.20 -29.27
C PRO B 334 -27.54 3.11 -29.22
N ASP B 335 -26.91 3.12 -30.39
CA ASP B 335 -25.47 3.03 -30.44
C ASP B 335 -24.80 4.40 -30.33
N ARG B 336 -25.56 5.45 -30.59
CA ARG B 336 -25.05 6.80 -30.50
C ARG B 336 -24.98 7.26 -29.05
N ILE B 337 -23.92 7.96 -28.68
CA ILE B 337 -23.82 8.46 -27.30
C ILE B 337 -24.46 9.85 -27.24
N ASP B 338 -25.51 10.00 -26.44
CA ASP B 338 -26.20 11.28 -26.36
C ASP B 338 -25.80 12.32 -25.29
N LEU B 339 -25.68 11.91 -24.05
CA LEU B 339 -25.32 12.81 -22.94
C LEU B 339 -26.49 13.70 -22.50
N ASP B 340 -27.33 14.12 -23.44
CA ASP B 340 -28.49 14.91 -23.10
C ASP B 340 -29.72 14.01 -23.09
N ARG B 341 -29.54 12.77 -23.53
CA ARG B 341 -30.63 11.79 -23.61
C ARG B 341 -31.69 11.83 -22.52
N ASP B 342 -32.90 12.21 -22.95
CA ASP B 342 -34.13 12.35 -22.16
C ASP B 342 -34.26 11.52 -20.86
N PRO B 343 -35.39 10.80 -20.64
CA PRO B 343 -35.42 10.03 -19.39
C PRO B 343 -34.28 9.02 -19.19
N ASN B 344 -33.94 8.29 -20.24
CA ASN B 344 -32.88 7.30 -20.18
C ASN B 344 -33.07 6.25 -19.06
N PRO B 345 -33.96 5.29 -19.29
CA PRO B 345 -34.23 4.26 -18.28
C PRO B 345 -33.31 3.06 -18.49
N HIS B 346 -32.01 3.25 -18.28
CA HIS B 346 -31.07 2.15 -18.46
C HIS B 346 -31.13 1.17 -17.31
N LEU B 347 -30.68 -0.06 -17.57
CA LEU B 347 -30.67 -1.14 -16.59
C LEU B 347 -29.24 -1.48 -16.14
N ALA B 348 -28.35 -0.48 -16.13
CA ALA B 348 -26.95 -0.70 -15.75
C ALA B 348 -26.79 -1.31 -14.38
N TYR B 349 -27.68 -0.96 -13.45
CA TYR B 349 -27.63 -1.47 -12.08
C TYR B 349 -28.59 -2.64 -11.86
N GLY B 350 -29.09 -3.21 -12.95
CA GLY B 350 -30.00 -4.33 -12.83
C GLY B 350 -31.44 -3.90 -12.61
N ASN B 351 -32.28 -4.89 -12.33
CA ASN B 351 -33.71 -4.61 -12.12
C ASN B 351 -34.39 -5.63 -11.21
N GLY B 352 -35.00 -5.14 -10.14
CA GLY B 352 -35.70 -6.02 -9.21
C GLY B 352 -35.20 -5.92 -7.78
N HIS B 353 -35.25 -7.03 -7.05
CA HIS B 353 -34.78 -7.05 -5.67
C HIS B 353 -33.27 -7.27 -5.69
N HIS B 354 -32.78 -7.90 -6.76
CA HIS B 354 -31.34 -8.11 -6.92
C HIS B 354 -30.72 -6.83 -7.47
N PHE B 355 -31.42 -5.71 -7.30
CA PHE B 355 -30.91 -4.43 -7.76
C PHE B 355 -29.65 -4.16 -6.97
N CYS B 356 -28.68 -3.53 -7.62
CA CYS B 356 -27.40 -3.25 -7.00
C CYS B 356 -27.49 -2.58 -5.64
N THR B 357 -26.94 -3.27 -4.66
CA THR B 357 -26.90 -2.78 -3.30
C THR B 357 -26.10 -1.47 -3.21
N GLY B 358 -25.18 -1.27 -4.16
CA GLY B 358 -24.35 -0.07 -4.16
C GLY B 358 -24.66 0.96 -5.24
N ALA B 359 -25.78 0.79 -5.94
CA ALA B 359 -26.16 1.73 -7.01
C ALA B 359 -25.91 3.18 -6.64
N VAL B 360 -26.50 3.60 -5.53
CA VAL B 360 -26.39 4.96 -5.02
C VAL B 360 -25.00 5.29 -4.51
N LEU B 361 -24.40 4.34 -3.79
CA LEU B 361 -23.06 4.57 -3.28
C LEU B 361 -22.12 4.81 -4.45
N ALA B 362 -22.21 3.93 -5.45
CA ALA B 362 -21.38 4.00 -6.65
C ALA B 362 -21.63 5.26 -7.46
N ARG B 363 -22.87 5.75 -7.47
CA ARG B 363 -23.19 6.95 -8.24
C ARG B 363 -22.56 8.20 -7.64
N MET B 364 -22.60 8.30 -6.31
CA MET B 364 -22.01 9.43 -5.60
C MET B 364 -20.51 9.44 -5.78
N GLN B 365 -19.89 8.25 -5.82
CA GLN B 365 -18.45 8.17 -6.02
C GLN B 365 -18.12 8.62 -7.44
N THR B 366 -18.89 8.13 -8.41
CA THR B 366 -18.67 8.51 -9.81
C THR B 366 -18.70 10.04 -9.95
N GLU B 367 -19.71 10.68 -9.36
CA GLU B 367 -19.86 12.13 -9.41
C GLU B 367 -18.64 12.87 -8.85
N LEU B 368 -18.17 12.48 -7.67
CA LEU B 368 -17.00 13.14 -7.06
C LEU B 368 -15.82 12.97 -7.99
N LEU B 369 -15.63 11.74 -8.43
CA LEU B 369 -14.54 11.43 -9.34
C LEU B 369 -14.58 12.33 -10.56
N VAL B 370 -15.67 12.30 -11.33
CA VAL B 370 -15.70 13.12 -12.52
C VAL B 370 -15.55 14.60 -12.22
N ASP B 371 -16.28 15.09 -11.22
CA ASP B 371 -16.20 16.49 -10.87
C ASP B 371 -14.82 16.94 -10.38
N THR B 372 -14.24 16.16 -9.46
CA THR B 372 -12.93 16.53 -8.90
C THR B 372 -11.82 16.43 -9.93
N LEU B 373 -11.88 15.41 -10.79
CA LEU B 373 -10.86 15.24 -11.79
C LEU B 373 -10.88 16.34 -12.87
N LEU B 374 -12.07 16.77 -13.28
CA LEU B 374 -12.17 17.82 -14.28
C LEU B 374 -11.83 19.17 -13.64
N GLU B 375 -12.18 19.35 -12.38
CA GLU B 375 -11.87 20.60 -11.71
C GLU B 375 -10.38 20.75 -11.36
N ARG B 376 -9.75 19.68 -10.86
CA ARG B 376 -8.36 19.73 -10.42
C ARG B 376 -7.22 19.30 -11.36
N LEU B 377 -7.55 18.72 -12.52
CA LEU B 377 -6.52 18.33 -13.49
C LEU B 377 -6.88 18.99 -14.81
N PRO B 378 -6.58 20.29 -14.94
CA PRO B 378 -6.86 21.06 -16.15
C PRO B 378 -5.95 20.59 -17.29
N GLY B 379 -6.46 20.59 -18.50
CA GLY B 379 -5.66 20.14 -19.62
C GLY B 379 -5.51 18.63 -19.58
N LEU B 380 -6.39 17.97 -18.82
CA LEU B 380 -6.36 16.52 -18.70
C LEU B 380 -6.49 15.79 -20.05
N ARG B 381 -5.60 14.85 -20.27
CA ARG B 381 -5.63 14.02 -21.46
C ARG B 381 -4.60 12.92 -21.48
N LEU B 382 -4.84 11.91 -22.32
CA LEU B 382 -3.95 10.77 -22.44
C LEU B 382 -2.49 11.16 -22.61
N ALA B 383 -1.65 10.54 -21.79
CA ALA B 383 -0.23 10.82 -21.84
C ALA B 383 0.45 10.01 -22.95
N VAL B 384 -0.30 9.03 -23.48
CA VAL B 384 0.13 8.12 -24.55
C VAL B 384 -1.05 7.86 -25.50
N PRO B 385 -0.78 7.30 -26.71
CA PRO B 385 -1.86 7.01 -27.67
C PRO B 385 -2.87 6.04 -27.03
N ALA B 386 -4.14 6.15 -27.38
CA ALA B 386 -5.17 5.27 -26.83
C ALA B 386 -4.80 3.79 -27.00
N GLU B 387 -4.30 3.48 -28.19
CA GLU B 387 -3.88 2.16 -28.59
C GLU B 387 -2.87 1.50 -27.63
N GLN B 388 -2.26 2.30 -26.76
CA GLN B 388 -1.28 1.80 -25.80
C GLN B 388 -1.91 1.42 -24.48
N VAL B 389 -3.17 1.78 -24.30
CA VAL B 389 -3.86 1.42 -23.07
C VAL B 389 -4.35 0.00 -23.21
N ALA B 390 -3.91 -0.88 -22.32
CA ALA B 390 -4.34 -2.27 -22.37
C ALA B 390 -5.64 -2.41 -21.62
N TRP B 391 -6.42 -3.44 -21.95
CA TRP B 391 -7.68 -3.66 -21.27
C TRP B 391 -7.65 -4.97 -20.52
N ARG B 392 -8.45 -5.06 -19.47
CA ARG B 392 -8.50 -6.27 -18.65
C ARG B 392 -9.00 -7.43 -19.50
N ARG B 393 -8.43 -8.61 -19.30
CA ARG B 393 -8.83 -9.81 -20.05
C ARG B 393 -9.16 -10.96 -19.10
N LYS B 394 -10.02 -11.89 -19.55
CA LYS B 394 -10.40 -13.05 -18.73
C LYS B 394 -11.08 -12.62 -17.44
N THR B 395 -11.71 -11.45 -17.47
CA THR B 395 -12.36 -10.91 -16.29
C THR B 395 -13.84 -10.67 -16.51
N MET B 396 -14.61 -10.75 -15.44
CA MET B 396 -16.03 -10.54 -15.53
C MET B 396 -16.31 -9.08 -15.91
N ILE B 397 -15.69 -8.15 -15.18
CA ILE B 397 -15.90 -6.74 -15.44
C ILE B 397 -14.84 -6.12 -16.34
N ARG B 398 -15.30 -5.50 -17.43
CA ARG B 398 -14.44 -4.85 -18.41
C ARG B 398 -13.90 -3.51 -17.94
N GLY B 399 -12.76 -3.12 -18.49
CA GLY B 399 -12.16 -1.84 -18.12
C GLY B 399 -10.73 -1.71 -18.58
N PRO B 400 -10.18 -0.50 -18.53
CA PRO B 400 -8.79 -0.26 -18.94
C PRO B 400 -7.90 -0.66 -17.76
N ARG B 401 -6.74 -1.25 -18.04
CA ARG B 401 -5.82 -1.69 -16.99
C ARG B 401 -5.06 -0.52 -16.38
N THR B 402 -4.83 0.50 -17.18
CA THR B 402 -4.15 1.73 -16.77
C THR B 402 -4.78 2.85 -17.60
N LEU B 403 -4.42 4.08 -17.27
CA LEU B 403 -4.90 5.28 -17.93
C LEU B 403 -3.86 6.37 -17.68
N PRO B 404 -2.75 6.34 -18.42
CA PRO B 404 -1.64 7.27 -18.32
C PRO B 404 -2.06 8.66 -18.77
N CYS B 405 -1.96 9.62 -17.86
CA CYS B 405 -2.39 10.97 -18.18
C CYS B 405 -1.39 12.07 -17.87
N THR B 406 -1.62 13.22 -18.48
CA THR B 406 -0.77 14.36 -18.26
C THR B 406 -1.71 15.52 -18.05
N TRP B 407 -1.19 16.65 -17.58
CA TRP B 407 -2.05 17.81 -17.39
C TRP B 407 -1.14 19.02 -17.21
N HIS B 408 -1.70 20.22 -17.35
CA HIS B 408 -0.90 21.44 -17.20
C HIS B 408 -0.10 21.50 -15.88
N HIS B 409 1.12 22.04 -15.95
CA HIS B 409 1.97 22.20 -14.77
C HIS B 409 2.65 23.56 -14.92
N HIS B 410 3.94 23.68 -14.61
CA HIS B 410 4.58 25.01 -14.73
C HIS B 410 5.74 25.29 -15.70
N HIS B 411 5.56 26.39 -16.44
CA HIS B 411 6.43 26.97 -17.46
C HIS B 411 7.86 27.02 -16.95
CHA HEM C . 21.36 9.31 13.78
CHB HEM C . 22.22 4.55 13.88
CHC HEM C . 17.47 3.69 13.54
CHD HEM C . 16.64 8.44 13.36
C1A HEM C . 22.02 8.11 13.85
C2A HEM C . 23.46 7.94 13.97
C3A HEM C . 23.71 6.62 14.00
C4A HEM C . 22.44 5.92 13.90
CMA HEM C . 25.10 5.95 14.11
CAA HEM C . 24.46 9.11 14.06
CBA HEM C . 24.98 9.58 12.72
CGA HEM C . 26.17 10.51 12.87
O1A HEM C . 27.23 10.12 12.29
O2A HEM C . 26.04 11.56 13.53
C1B HEM C . 21.02 3.89 13.79
C2B HEM C . 20.85 2.43 13.75
C3B HEM C . 19.50 2.19 13.66
C4B HEM C . 18.83 3.46 13.63
CMB HEM C . 22.01 1.42 13.81
CAB HEM C . 18.75 0.82 13.58
CBB HEM C . 19.10 -0.18 14.69
C1C HEM C . 16.83 4.92 13.47
C2C HEM C . 15.36 5.08 13.36
C3C HEM C . 15.13 6.40 13.31
C4C HEM C . 16.42 7.08 13.39
CMC HEM C . 14.35 3.90 13.30
CAC HEM C . 13.78 7.16 13.15
CBC HEM C . 12.76 7.00 14.30
C1D HEM C . 17.83 9.10 13.45
C2D HEM C . 18.03 10.55 13.41
C3D HEM C . 19.35 10.79 13.54
C4D HEM C . 20.00 9.50 13.65
CMD HEM C . 16.89 11.59 13.26
CAD HEM C . 20.04 12.18 13.57
CBD HEM C . 20.14 12.65 15.07
CGD HEM C . 20.81 14.00 15.29
O1D HEM C . 21.83 14.31 14.66
O2D HEM C . 20.25 14.72 16.15
NA HEM C . 21.43 6.86 13.82
NB HEM C . 19.76 4.49 13.70
NC HEM C . 17.45 6.14 13.51
ND HEM C . 19.07 8.45 13.58
FE HEM C . 19.43 6.49 13.67
OAB 226 D . 24.82 8.54 9.12
CAM 226 D . 24.05 7.65 9.53
CAN 226 D . 22.72 7.95 9.77
CAH 226 D . 22.24 9.24 9.57
CAI 226 D . 20.89 9.54 9.80
OAC 226 D . 20.43 10.80 9.60
CAF 226 D . 20.04 8.54 10.25
CAK 226 D . 20.51 7.25 10.45
OAE 226 D . 19.66 6.30 10.93
CAO 226 D . 21.85 6.95 10.21
CAL 226 D . 22.33 5.64 10.40
OAA 226 D . 21.58 4.75 10.75
CAG 226 D . 23.67 5.36 10.16
CAJ 226 D . 24.53 6.37 9.72
OAD 226 D . 25.85 6.08 9.50
OAB 226 E . 20.59 13.32 1.40
CAM 226 E . 19.78 14.07 0.86
CAN 226 E . 18.42 13.83 0.98
CAH 226 E . 17.98 12.73 1.69
CAI 226 E . 16.60 12.47 1.82
OAC 226 E . 16.18 11.39 2.52
CAF 226 E . 15.69 13.33 1.22
CAK 226 E . 16.13 14.43 0.51
OAE 226 E . 15.23 15.28 -0.07
CAO 226 E . 17.50 14.69 0.38
CAL 226 E . 17.94 15.79 -0.35
OAA 226 E . 17.15 16.57 -0.86
CAG 226 E . 19.32 16.03 -0.47
CAJ 226 E . 20.23 15.17 0.13
OAD 226 E . 21.57 15.41 0.00
CHA HEM F . -25.47 -6.37 -8.12
CHB HEM F . -23.94 -3.15 -11.38
CHC HEM F . -21.13 -1.11 -8.00
CHD HEM F . -22.60 -4.37 -4.77
C1A HEM F . -25.33 -5.67 -9.30
C2A HEM F . -26.02 -5.96 -10.56
C3A HEM F . -25.59 -5.08 -11.47
C4A HEM F . -24.63 -4.20 -10.82
CMA HEM F . -26.01 -4.97 -12.94
CAA HEM F . -27.06 -7.08 -10.75
CBA HEM F . -26.56 -8.33 -11.49
CGA HEM F . -27.65 -9.41 -11.58
O1A HEM F . -27.70 -10.02 -12.70
O2A HEM F . -28.38 -9.61 -10.60
C1B HEM F . -23.04 -2.32 -10.76
C2B HEM F . -22.33 -1.23 -11.41
C3B HEM F . -21.55 -0.64 -10.47
C4B HEM F . -21.75 -1.37 -9.23
CMB HEM F . -22.50 -0.83 -12.89
CAB HEM F . -20.59 0.56 -10.60
CBB HEM F . -21.28 1.89 -10.91
C1C HEM F . -21.30 -1.81 -6.81
C2C HEM F . -20.60 -1.50 -5.53
C3C HEM F . -21.00 -2.41 -4.63
C4C HEM F . -21.95 -3.29 -5.33
CMC HEM F . -19.60 -0.34 -5.35
CAC HEM F . -20.60 -2.61 -3.13
CBC HEM F . -20.59 -1.35 -2.25
C1D HEM F . -23.51 -5.20 -5.38
C2D HEM F . -24.17 -6.33 -4.75
C3D HEM F . -24.98 -6.89 -5.68
C4D HEM F . -24.82 -6.12 -6.92
CMD HEM F . -23.98 -6.77 -3.28
CAD HEM F . -25.90 -8.11 -5.48
CBD HEM F . -27.36 -7.63 -5.17
CGD HEM F . -28.31 -8.78 -5.00
O1D HEM F . -28.42 -9.62 -5.92
O2D HEM F . -28.94 -8.80 -3.92
NA HEM F . -24.50 -4.60 -9.48
NB HEM F . -22.65 -2.40 -9.42
NC HEM F . -22.12 -2.91 -6.66
ND HEM F . -23.90 -5.08 -6.73
FE HEM F . -23.31 -3.74 -8.07
OAB 226 G . -22.45 -11.64 -10.56
CAM 226 G . -22.47 -10.44 -10.82
CAN 226 G . -22.22 -9.50 -9.84
CAH 226 G . -22.00 -9.92 -8.53
CAI 226 G . -21.78 -8.98 -7.52
OAC 226 G . -21.57 -9.39 -6.24
CAF 226 G . -21.77 -7.62 -7.83
CAK 226 G . -22.00 -7.20 -9.14
OAE 226 G . -22.00 -5.87 -9.42
CAO 226 G . -22.23 -8.14 -10.14
CAL 226 G . -22.49 -7.73 -11.46
OAA 226 G . -22.50 -6.52 -11.75
CAG 226 G . -22.74 -8.66 -12.45
CAJ 226 G . -22.74 -10.03 -12.14
OAD 226 G . -23.00 -10.94 -13.10
OAB 226 H . -14.78 -19.18 -4.38
CAM 226 H . -14.94 -18.41 -5.33
CAN 226 H . -15.16 -17.05 -5.10
CAH 226 H . -15.16 -16.56 -3.80
CAI 226 H . -15.36 -15.21 -3.57
OAC 226 H . -15.34 -14.72 -2.30
CAF 226 H . -15.57 -14.34 -4.65
CAK 226 H . -15.57 -14.83 -5.95
OAE 226 H . -15.78 -13.98 -6.97
CAO 226 H . -15.36 -16.19 -6.17
CAL 226 H . -15.34 -16.69 -7.48
OAA 226 H . -15.52 -15.94 -8.44
CAG 226 H . -15.11 -18.04 -7.70
CAJ 226 H . -14.91 -18.91 -6.63
OAD 226 H . -14.67 -20.23 -6.85
#